data_3IC0
#
_entry.id   3IC0
#
_cell.length_a   91.978
_cell.length_b   91.978
_cell.length_c   143.942
_cell.angle_alpha   90.000
_cell.angle_beta   90.000
_cell.angle_gamma   120.000
#
_symmetry.space_group_name_H-M   'P 32 2 1'
#
loop_
_entity.id
_entity.type
_entity.pdbx_description
1 polymer 'Hemoglobin subunit alpha'
2 polymer 'Hemoglobin subunit beta'
3 non-polymer 'OXYGEN MOLECULE'
4 non-polymer 'PROTOPORPHYRIN IX CONTAINING FE'
5 non-polymer 2-[(2-methoxy-5-methylphenoxy)methyl]pyridine
6 non-polymer 'SULFATE ION'
7 water water
#
loop_
_entity_poly.entity_id
_entity_poly.type
_entity_poly.pdbx_seq_one_letter_code
_entity_poly.pdbx_strand_id
1 'polypeptide(L)'
;VLSPADKTNVKAAWGKVGAHAGEYGAEALERMFLSFPTTKTYFPHFDLSHGSAQVKGHGKKVADALTNAVAHVDDMPNAL
SALSDLHAHKLRVDPVNFKLLSHCLLVTLAAHLPAEFTPAVHASLDKFLASVSTVLTSKYR
;
A,C
2 'polypeptide(L)'
;VHLTPEEKSAVTALWGKVNVDEVGGEALGRLLVVYPWTQRFFESFGDLSTPDAVMGNPKVKAHGKKVLGAFSDGLAHLDN
LKGTFATLSELHCDKLHVDPENFRLLGNVLVCVLAHHFGKEFTPPVQAAYQKVVAGVANALAHKYH
;
B,D
#
loop_
_chem_comp.id
_chem_comp.type
_chem_comp.name
_chem_comp.formula
B77 non-polymer 2-[(2-methoxy-5-methylphenoxy)methyl]pyridine 'C14 H15 N O2'
HEM non-polymer 'PROTOPORPHYRIN IX CONTAINING FE' 'C34 H32 Fe N4 O4'
OXY non-polymer 'OXYGEN MOLECULE' O2
SO4 non-polymer 'SULFATE ION' 'O4 S -2'
#
# COMPACT_ATOMS: atom_id res chain seq x y z
N VAL A 1 -14.35 2.09 2.73
CA VAL A 1 -15.76 2.38 3.01
C VAL A 1 -16.68 1.42 2.18
N LEU A 2 -17.56 0.72 2.89
CA LEU A 2 -18.47 -0.26 2.28
C LEU A 2 -19.82 0.31 1.81
N SER A 3 -20.26 -0.08 0.62
CA SER A 3 -21.56 0.39 0.14
C SER A 3 -22.60 -0.51 0.76
N PRO A 4 -23.91 -0.15 0.68
CA PRO A 4 -24.92 -1.03 1.28
C PRO A 4 -24.84 -2.43 0.62
N ALA A 5 -24.70 -2.43 -0.69
CA ALA A 5 -24.59 -3.69 -1.44
C ALA A 5 -23.37 -4.51 -0.95
N ASP A 6 -22.26 -3.84 -0.60
CA ASP A 6 -21.07 -4.56 -0.09
C ASP A 6 -21.43 -5.30 1.19
N LYS A 7 -22.15 -4.62 2.08
CA LYS A 7 -22.52 -5.25 3.36
C LYS A 7 -23.37 -6.48 3.14
N THR A 8 -24.33 -6.35 2.22
CA THR A 8 -25.24 -7.42 1.79
C THR A 8 -24.37 -8.56 1.27
N ASN A 9 -23.49 -8.23 0.33
CA ASN A 9 -22.58 -9.22 -0.26
C ASN A 9 -21.79 -9.95 0.80
N VAL A 10 -21.17 -9.18 1.69
CA VAL A 10 -20.35 -9.80 2.70
C VAL A 10 -21.14 -10.70 3.66
N LYS A 11 -22.26 -10.23 4.18
CA LYS A 11 -23.07 -11.04 5.09
C LYS A 11 -23.56 -12.34 4.39
N ALA A 12 -23.95 -12.25 3.12
CA ALA A 12 -24.40 -13.45 2.39
C ALA A 12 -23.31 -14.50 2.16
N ALA A 13 -22.15 -14.06 1.72
CA ALA A 13 -21.03 -14.98 1.47
C ALA A 13 -20.46 -15.60 2.75
N TRP A 14 -20.17 -14.75 3.73
CA TRP A 14 -19.61 -15.24 4.98
C TRP A 14 -20.63 -16.09 5.73
N GLY A 15 -21.90 -15.77 5.57
CA GLY A 15 -22.91 -16.58 6.25
C GLY A 15 -22.84 -18.01 5.74
N LYS A 16 -22.31 -18.20 4.54
CA LYS A 16 -22.20 -19.55 3.95
C LYS A 16 -21.14 -20.38 4.60
N VAL A 17 -20.12 -19.72 5.16
CA VAL A 17 -19.04 -20.43 5.82
C VAL A 17 -19.59 -21.22 7.02
N GLY A 18 -20.41 -20.56 7.83
CA GLY A 18 -20.97 -21.20 9.02
C GLY A 18 -20.01 -22.02 9.83
N ALA A 19 -20.43 -23.25 10.14
CA ALA A 19 -19.62 -24.18 10.93
C ALA A 19 -18.29 -24.55 10.28
N HIS A 20 -18.04 -24.06 9.07
CA HIS A 20 -16.74 -24.28 8.41
C HIS A 20 -15.72 -23.24 8.92
N ALA A 21 -16.18 -22.29 9.74
CA ALA A 21 -15.32 -21.24 10.29
C ALA A 21 -13.91 -21.70 10.63
N GLY A 22 -13.85 -22.65 11.54
CA GLY A 22 -12.57 -23.15 11.98
C GLY A 22 -11.70 -23.72 10.90
N GLU A 23 -12.28 -24.61 10.12
CA GLU A 23 -11.52 -25.23 9.05
C GLU A 23 -10.99 -24.23 8.03
N TYR A 24 -11.85 -23.30 7.63
CA TYR A 24 -11.46 -22.29 6.62
C TYR A 24 -10.42 -21.31 7.17
N GLY A 25 -10.59 -20.92 8.43
CA GLY A 25 -9.66 -20.03 9.09
C GLY A 25 -8.30 -20.70 9.14
N ALA A 26 -8.27 -21.98 9.53
CA ALA A 26 -7.01 -22.73 9.56
C ALA A 26 -6.36 -22.81 8.20
N GLU A 27 -7.17 -23.15 7.19
CA GLU A 27 -6.66 -23.24 5.84
C GLU A 27 -6.07 -21.90 5.38
N ALA A 28 -6.73 -20.79 5.70
CA ALA A 28 -6.20 -19.47 5.28
C ALA A 28 -4.84 -19.21 5.91
N LEU A 29 -4.69 -19.55 7.20
CA LEU A 29 -3.42 -19.35 7.90
C LEU A 29 -2.36 -20.26 7.29
N GLU A 30 -2.70 -21.53 7.10
CA GLU A 30 -1.70 -22.43 6.52
C GLU A 30 -1.24 -21.92 5.14
N ARG A 31 -2.16 -21.47 4.30
CA ARG A 31 -1.80 -20.96 2.99
C ARG A 31 -0.88 -19.78 3.16
N MET A 32 -1.18 -18.92 4.14
CA MET A 32 -0.33 -17.75 4.34
C MET A 32 1.06 -18.12 4.81
N PHE A 33 1.13 -19.00 5.81
CA PHE A 33 2.41 -19.46 6.36
C PHE A 33 3.29 -20.05 5.27
N LEU A 34 2.67 -20.86 4.40
CA LEU A 34 3.42 -21.50 3.32
C LEU A 34 3.77 -20.61 2.17
N SER A 35 2.85 -19.74 1.81
CA SER A 35 3.06 -18.86 0.67
C SER A 35 3.93 -17.66 0.99
N PHE A 36 3.85 -17.14 2.22
CA PHE A 36 4.60 -15.94 2.64
C PHE A 36 5.21 -16.30 3.99
N PRO A 37 6.32 -17.09 3.95
CA PRO A 37 7.01 -17.55 5.17
C PRO A 37 7.39 -16.46 6.18
N THR A 38 7.66 -15.24 5.74
CA THR A 38 8.01 -14.17 6.67
C THR A 38 6.88 -13.97 7.70
N THR A 39 5.64 -14.36 7.37
CA THR A 39 4.55 -14.16 8.33
C THR A 39 4.65 -15.11 9.54
N LYS A 40 5.40 -16.20 9.40
CA LYS A 40 5.53 -17.15 10.52
C LYS A 40 6.27 -16.56 11.72
N THR A 41 7.05 -15.51 11.47
CA THR A 41 7.80 -14.83 12.55
C THR A 41 6.89 -14.20 13.60
N TYR A 42 5.59 -14.11 13.34
CA TYR A 42 4.71 -13.54 14.35
C TYR A 42 4.20 -14.68 15.23
N PHE A 43 4.52 -15.92 14.87
CA PHE A 43 4.05 -17.07 15.66
C PHE A 43 5.28 -17.98 15.90
N PRO A 44 6.41 -17.38 16.35
CA PRO A 44 7.64 -18.16 16.57
C PRO A 44 7.53 -19.37 17.51
N HIS A 45 6.57 -19.32 18.42
CA HIS A 45 6.35 -20.37 19.39
C HIS A 45 5.26 -21.35 19.00
N PHE A 46 4.57 -21.10 17.90
CA PHE A 46 3.50 -21.99 17.47
C PHE A 46 4.05 -23.23 16.77
N ASP A 47 3.24 -24.28 16.83
CA ASP A 47 3.53 -25.48 16.07
C ASP A 47 2.80 -25.17 14.76
N LEU A 48 3.53 -24.92 13.68
CA LEU A 48 2.92 -24.57 12.40
C LEU A 48 2.94 -25.69 11.35
N SER A 49 3.18 -26.94 11.77
CA SER A 49 3.22 -28.03 10.81
C SER A 49 1.83 -28.24 10.22
N HIS A 50 1.77 -28.85 9.03
CA HIS A 50 0.47 -29.10 8.40
C HIS A 50 -0.40 -29.87 9.38
N GLY A 51 -1.65 -29.45 9.55
CA GLY A 51 -2.54 -30.17 10.44
C GLY A 51 -2.39 -29.89 11.92
N SER A 52 -1.46 -29.01 12.27
CA SER A 52 -1.21 -28.60 13.66
C SER A 52 -2.54 -28.29 14.38
N ALA A 53 -2.68 -28.70 15.63
CA ALA A 53 -3.89 -28.45 16.39
C ALA A 53 -3.88 -27.02 16.92
N GLN A 54 -2.68 -26.45 16.99
CA GLN A 54 -2.49 -25.07 17.45
C GLN A 54 -3.07 -24.13 16.38
N VAL A 55 -2.71 -24.37 15.12
CA VAL A 55 -3.22 -23.56 14.00
C VAL A 55 -4.75 -23.73 13.81
N LYS A 56 -5.22 -24.96 13.97
CA LYS A 56 -6.63 -25.27 13.86
C LYS A 56 -7.36 -24.50 14.98
N GLY A 57 -6.78 -24.50 16.18
CA GLY A 57 -7.38 -23.75 17.28
C GLY A 57 -7.36 -22.22 17.00
N HIS A 58 -6.22 -21.71 16.56
CA HIS A 58 -6.13 -20.29 16.28
C HIS A 58 -7.03 -19.89 15.11
N GLY A 59 -7.08 -20.72 14.06
CA GLY A 59 -7.94 -20.43 12.92
C GLY A 59 -9.42 -20.26 13.28
N LYS A 60 -9.92 -21.00 14.29
CA LYS A 60 -11.31 -20.82 14.69
C LYS A 60 -11.49 -19.46 15.39
N LYS A 61 -10.48 -18.99 16.13
CA LYS A 61 -10.56 -17.67 16.81
C LYS A 61 -10.64 -16.59 15.73
N VAL A 62 -9.79 -16.70 14.72
CA VAL A 62 -9.78 -15.72 13.65
C VAL A 62 -11.12 -15.66 12.87
N ALA A 63 -11.65 -16.82 12.48
CA ALA A 63 -12.89 -16.82 11.69
C ALA A 63 -14.07 -16.27 12.49
N ASP A 64 -14.12 -16.63 13.77
CA ASP A 64 -15.19 -16.15 14.61
C ASP A 64 -15.03 -14.63 14.81
N ALA A 65 -13.81 -14.12 14.80
CA ALA A 65 -13.65 -12.66 14.93
C ALA A 65 -14.22 -12.06 13.65
N LEU A 66 -13.98 -12.70 12.51
CA LEU A 66 -14.52 -12.18 11.27
C LEU A 66 -16.04 -12.24 11.32
N THR A 67 -16.55 -13.35 11.86
CA THR A 67 -17.99 -13.48 12.01
C THR A 67 -18.48 -12.28 12.83
N ASN A 68 -17.83 -12.01 13.96
CA ASN A 68 -18.26 -10.88 14.78
C ASN A 68 -18.14 -9.55 14.03
N ALA A 69 -17.09 -9.38 13.21
CA ALA A 69 -16.95 -8.13 12.45
C ALA A 69 -18.08 -7.97 11.41
N VAL A 70 -18.46 -9.07 10.74
CA VAL A 70 -19.52 -9.03 9.75
C VAL A 70 -20.83 -8.56 10.46
N ALA A 71 -21.11 -9.12 11.64
CA ALA A 71 -22.30 -8.73 12.42
C ALA A 71 -22.29 -7.23 12.70
N HIS A 72 -21.11 -6.68 13.00
CA HIS A 72 -20.98 -5.26 13.31
C HIS A 72 -20.31 -4.44 12.22
N VAL A 73 -20.64 -4.76 10.97
CA VAL A 73 -20.04 -4.09 9.83
C VAL A 73 -20.16 -2.55 9.82
N ASP A 74 -21.19 -2.00 10.47
CA ASP A 74 -21.36 -0.55 10.54
C ASP A 74 -20.73 0.12 11.77
N ASP A 75 -20.18 -0.67 12.67
CA ASP A 75 -19.61 -0.17 13.91
C ASP A 75 -18.34 -0.96 14.24
N MET A 76 -17.43 -1.15 13.29
CA MET A 76 -16.23 -1.95 13.54
C MET A 76 -15.23 -1.47 14.57
N PRO A 77 -14.93 -0.16 14.60
CA PRO A 77 -13.94 0.23 15.62
C PRO A 77 -14.37 -0.16 17.03
N ASN A 78 -15.67 -0.02 17.31
CA ASN A 78 -16.13 -0.37 18.67
C ASN A 78 -16.14 -1.87 18.87
N ALA A 79 -16.64 -2.61 17.88
CA ALA A 79 -16.69 -4.06 18.00
C ALA A 79 -15.34 -4.74 18.05
N LEU A 80 -14.34 -4.21 17.34
CA LEU A 80 -13.03 -4.84 17.30
C LEU A 80 -11.97 -4.16 18.15
N SER A 81 -12.38 -3.27 19.06
CA SER A 81 -11.41 -2.55 19.86
C SER A 81 -10.46 -3.45 20.60
N ALA A 82 -10.97 -4.56 21.15
CA ALA A 82 -10.09 -5.49 21.85
C ALA A 82 -9.06 -6.06 20.85
N LEU A 83 -9.49 -6.38 19.61
CA LEU A 83 -8.54 -6.90 18.60
C LEU A 83 -7.53 -5.85 18.12
N SER A 84 -7.95 -4.58 18.15
CA SER A 84 -7.07 -3.51 17.75
C SER A 84 -6.00 -3.40 18.84
N ASP A 85 -6.43 -3.46 20.10
CA ASP A 85 -5.49 -3.42 21.22
C ASP A 85 -4.39 -4.46 20.99
N LEU A 86 -4.84 -5.65 20.62
CA LEU A 86 -3.91 -6.76 20.40
C LEU A 86 -3.00 -6.57 19.20
N HIS A 87 -3.56 -6.36 18.02
CA HIS A 87 -2.71 -6.20 16.84
C HIS A 87 -1.92 -4.90 16.63
N ALA A 88 -2.50 -3.78 17.04
CA ALA A 88 -1.84 -2.48 16.83
C ALA A 88 -1.00 -2.06 18.05
N HIS A 89 -1.60 -2.18 19.23
CA HIS A 89 -0.90 -1.78 20.46
C HIS A 89 0.11 -2.80 20.97
N LYS A 90 -0.26 -4.09 20.98
CA LYS A 90 0.67 -5.06 21.51
C LYS A 90 1.55 -5.74 20.49
N LEU A 91 0.94 -6.41 19.52
CA LEU A 91 1.76 -7.10 18.52
C LEU A 91 2.43 -6.20 17.48
N ARG A 92 1.88 -5.02 17.20
CA ARG A 92 2.51 -4.16 16.20
C ARG A 92 2.67 -4.82 14.83
N VAL A 93 1.62 -5.50 14.38
CA VAL A 93 1.71 -6.16 13.11
C VAL A 93 1.78 -5.18 11.93
N ASP A 94 2.76 -5.37 11.06
CA ASP A 94 2.95 -4.55 9.88
C ASP A 94 1.74 -4.77 8.99
N PRO A 95 1.12 -3.68 8.54
CA PRO A 95 -0.06 -3.67 7.69
C PRO A 95 0.08 -4.56 6.48
N VAL A 96 1.29 -4.74 5.94
CA VAL A 96 1.41 -5.62 4.76
C VAL A 96 0.91 -7.05 5.06
N ASN A 97 1.19 -7.57 6.27
CA ASN A 97 0.72 -8.91 6.63
C ASN A 97 -0.80 -9.04 6.56
N PHE A 98 -1.53 -7.96 6.83
CA PHE A 98 -3.00 -8.07 6.70
C PHE A 98 -3.42 -8.29 5.21
N LYS A 99 -2.71 -7.70 4.27
CA LYS A 99 -3.03 -7.91 2.87
C LYS A 99 -2.75 -9.37 2.54
N LEU A 100 -1.71 -9.96 3.12
CA LEU A 100 -1.37 -11.35 2.84
C LEU A 100 -2.41 -12.33 3.38
N LEU A 101 -2.82 -12.15 4.63
CA LEU A 101 -3.85 -13.01 5.21
C LEU A 101 -5.19 -12.78 4.50
N SER A 102 -5.50 -11.52 4.15
CA SER A 102 -6.76 -11.25 3.44
C SER A 102 -6.81 -12.01 2.10
N HIS A 103 -5.71 -11.95 1.36
CA HIS A 103 -5.56 -12.66 0.09
C HIS A 103 -5.75 -14.15 0.35
N CYS A 104 -5.04 -14.71 1.37
CA CYS A 104 -5.23 -16.14 1.65
C CYS A 104 -6.67 -16.50 2.06
N LEU A 105 -7.39 -15.57 2.69
CA LEU A 105 -8.79 -15.83 3.05
C LEU A 105 -9.66 -15.87 1.78
N LEU A 106 -9.40 -14.95 0.85
CA LEU A 106 -10.14 -14.92 -0.41
C LEU A 106 -9.79 -16.17 -1.20
N VAL A 107 -8.51 -16.57 -1.22
CA VAL A 107 -8.19 -17.81 -1.96
C VAL A 107 -8.97 -18.98 -1.37
N THR A 108 -9.06 -19.03 -0.03
CA THR A 108 -9.76 -20.12 0.66
C THR A 108 -11.25 -20.10 0.35
N LEU A 109 -11.86 -18.92 0.35
CA LEU A 109 -13.28 -18.84 0.01
C LEU A 109 -13.55 -19.24 -1.44
N ALA A 110 -12.67 -18.83 -2.35
CA ALA A 110 -12.84 -19.18 -3.75
C ALA A 110 -12.73 -20.70 -3.96
N ALA A 111 -11.83 -21.35 -3.25
CA ALA A 111 -11.62 -22.79 -3.44
C ALA A 111 -12.80 -23.62 -2.90
N HIS A 112 -13.53 -23.03 -1.96
CA HIS A 112 -14.64 -23.70 -1.33
C HIS A 112 -16.03 -23.23 -1.73
N LEU A 113 -16.17 -21.96 -2.13
CA LEU A 113 -17.49 -21.42 -2.48
C LEU A 113 -17.53 -20.93 -3.89
N PRO A 114 -17.25 -21.79 -4.84
CA PRO A 114 -17.25 -21.36 -6.24
C PRO A 114 -18.50 -20.58 -6.68
N ALA A 115 -19.69 -21.07 -6.32
CA ALA A 115 -20.90 -20.37 -6.72
C ALA A 115 -21.02 -18.98 -6.13
N GLU A 116 -20.67 -18.88 -4.86
CA GLU A 116 -20.75 -17.63 -4.13
C GLU A 116 -19.72 -16.58 -4.50
N PHE A 117 -18.53 -17.03 -4.87
CA PHE A 117 -17.43 -16.12 -5.14
C PHE A 117 -17.45 -15.47 -6.51
N THR A 118 -18.45 -14.62 -6.72
CA THR A 118 -18.62 -13.88 -7.94
C THR A 118 -17.72 -12.61 -7.97
N PRO A 119 -17.52 -12.01 -9.15
CA PRO A 119 -16.67 -10.81 -9.13
C PRO A 119 -17.17 -9.79 -8.14
N ALA A 120 -18.47 -9.51 -8.18
CA ALA A 120 -19.02 -8.54 -7.24
C ALA A 120 -18.76 -8.90 -5.77
N VAL A 121 -18.97 -10.17 -5.41
CA VAL A 121 -18.79 -10.57 -4.01
C VAL A 121 -17.31 -10.53 -3.62
N HIS A 122 -16.47 -10.99 -4.54
CA HIS A 122 -15.02 -11.00 -4.38
C HIS A 122 -14.62 -9.54 -4.04
N ALA A 123 -15.10 -8.60 -4.84
CA ALA A 123 -14.84 -7.16 -4.62
C ALA A 123 -15.27 -6.65 -3.25
N SER A 124 -16.49 -7.04 -2.83
CA SER A 124 -17.01 -6.61 -1.54
C SER A 124 -16.19 -7.23 -0.42
N LEU A 125 -15.90 -8.52 -0.52
CA LEU A 125 -15.11 -9.18 0.52
C LEU A 125 -13.71 -8.57 0.65
N ASP A 126 -13.10 -8.26 -0.48
CA ASP A 126 -11.76 -7.68 -0.44
C ASP A 126 -11.79 -6.35 0.33
N LYS A 127 -12.77 -5.51 0.05
CA LYS A 127 -12.93 -4.22 0.69
C LYS A 127 -13.22 -4.41 2.18
N PHE A 128 -14.08 -5.37 2.48
CA PHE A 128 -14.40 -5.65 3.87
C PHE A 128 -13.12 -6.03 4.63
N LEU A 129 -12.29 -6.89 4.03
CA LEU A 129 -11.06 -7.33 4.76
C LEU A 129 -10.10 -6.14 4.94
N ALA A 130 -10.10 -5.26 3.94
CA ALA A 130 -9.31 -4.03 4.01
C ALA A 130 -9.82 -3.18 5.18
N SER A 131 -11.16 -3.08 5.35
CA SER A 131 -11.80 -2.30 6.47
C SER A 131 -11.35 -2.93 7.78
N VAL A 132 -11.49 -4.26 7.88
CA VAL A 132 -11.07 -4.94 9.07
C VAL A 132 -9.60 -4.68 9.39
N SER A 133 -8.74 -4.73 8.38
CA SER A 133 -7.32 -4.53 8.58
C SER A 133 -6.96 -3.13 9.06
N THR A 134 -7.71 -2.14 8.60
CA THR A 134 -7.47 -0.76 9.00
C THR A 134 -7.75 -0.61 10.48
N VAL A 135 -8.83 -1.23 10.94
CA VAL A 135 -9.14 -1.12 12.36
C VAL A 135 -8.06 -1.81 13.22
N LEU A 136 -7.66 -3.03 12.82
CA LEU A 136 -6.64 -3.76 13.57
C LEU A 136 -5.22 -3.21 13.47
N THR A 137 -4.97 -2.27 12.55
CA THR A 137 -3.61 -1.71 12.51
C THR A 137 -3.60 -0.26 13.01
N SER A 138 -4.76 0.25 13.45
CA SER A 138 -4.87 1.62 13.95
C SER A 138 -4.88 1.73 15.47
N LYS A 139 -4.23 2.74 16.02
CA LYS A 139 -4.36 2.91 17.48
C LYS A 139 -5.39 4.03 17.67
N TYR A 140 -6.57 3.69 18.16
CA TYR A 140 -7.61 4.71 18.30
C TYR A 140 -8.21 4.79 19.68
N ARG A 141 -7.59 4.08 20.62
CA ARG A 141 -8.01 4.05 22.02
C ARG A 141 -7.12 5.12 22.60
N VAL B 1 12.45 -17.10 -10.94
CA VAL B 1 12.12 -17.49 -9.54
C VAL B 1 12.64 -18.87 -9.24
N HIS B 2 12.93 -19.13 -7.97
CA HIS B 2 13.42 -20.44 -7.60
C HIS B 2 12.31 -21.38 -7.15
N LEU B 3 11.83 -22.18 -8.10
CA LEU B 3 10.82 -23.15 -7.80
C LEU B 3 11.53 -24.46 -7.50
N THR B 4 10.88 -25.26 -6.69
CA THR B 4 11.38 -26.56 -6.32
C THR B 4 10.98 -27.49 -7.46
N PRO B 5 11.76 -28.56 -7.69
CA PRO B 5 11.40 -29.48 -8.78
C PRO B 5 9.96 -29.93 -8.59
N GLU B 6 9.60 -30.24 -7.36
CA GLU B 6 8.25 -30.68 -7.05
C GLU B 6 7.24 -29.58 -7.40
N GLU B 7 7.57 -28.35 -6.98
CA GLU B 7 6.71 -27.21 -7.26
C GLU B 7 6.54 -26.99 -8.75
N LYS B 8 7.67 -26.95 -9.46
CA LYS B 8 7.68 -26.75 -10.88
C LYS B 8 6.76 -27.76 -11.56
N SER B 9 6.80 -29.00 -11.10
CA SER B 9 5.94 -30.01 -11.69
C SER B 9 4.48 -29.77 -11.39
N ALA B 10 4.18 -29.39 -10.15
CA ALA B 10 2.80 -29.15 -9.76
C ALA B 10 2.24 -27.96 -10.51
N VAL B 11 3.09 -26.96 -10.71
CA VAL B 11 2.67 -25.74 -11.38
C VAL B 11 2.34 -26.02 -12.85
N THR B 12 3.25 -26.73 -13.52
CA THR B 12 3.07 -27.05 -14.92
C THR B 12 1.89 -27.98 -15.10
N ALA B 13 1.68 -28.90 -14.17
CA ALA B 13 0.58 -29.82 -14.28
C ALA B 13 -0.75 -29.08 -14.24
N LEU B 14 -0.91 -28.20 -13.27
CA LEU B 14 -2.15 -27.45 -13.18
C LEU B 14 -2.32 -26.52 -14.37
N TRP B 15 -1.26 -25.84 -14.78
CA TRP B 15 -1.39 -24.87 -15.87
C TRP B 15 -1.86 -25.50 -17.17
N GLY B 16 -1.42 -26.75 -17.38
CA GLY B 16 -1.80 -27.47 -18.58
C GLY B 16 -3.30 -27.65 -18.62
N LYS B 17 -3.97 -27.47 -17.48
CA LYS B 17 -5.41 -27.65 -17.45
C LYS B 17 -6.18 -26.34 -17.57
N VAL B 18 -5.46 -25.23 -17.61
CA VAL B 18 -6.08 -23.91 -17.68
C VAL B 18 -6.67 -23.60 -19.06
N ASN B 19 -7.94 -23.17 -19.10
CA ASN B 19 -8.58 -22.80 -20.34
C ASN B 19 -7.96 -21.49 -20.78
N VAL B 20 -7.07 -21.55 -21.78
CA VAL B 20 -6.41 -20.35 -22.25
C VAL B 20 -7.29 -19.30 -22.91
N ASP B 21 -8.54 -19.65 -23.22
CA ASP B 21 -9.43 -18.68 -23.86
C ASP B 21 -10.26 -17.90 -22.87
N GLU B 22 -10.32 -18.37 -21.63
CA GLU B 22 -11.15 -17.73 -20.62
C GLU B 22 -10.47 -17.23 -19.35
N VAL B 23 -9.46 -17.95 -18.83
CA VAL B 23 -8.85 -17.57 -17.56
C VAL B 23 -8.25 -16.16 -17.48
N GLY B 24 -7.55 -15.74 -18.54
CA GLY B 24 -6.97 -14.41 -18.54
C GLY B 24 -8.04 -13.32 -18.51
N GLY B 25 -9.13 -13.51 -19.26
CA GLY B 25 -10.20 -12.50 -19.27
C GLY B 25 -10.91 -12.44 -17.92
N GLU B 26 -11.09 -13.61 -17.30
CA GLU B 26 -11.70 -13.68 -15.96
C GLU B 26 -10.77 -12.92 -14.94
N ALA B 27 -9.45 -13.13 -15.01
CA ALA B 27 -8.54 -12.45 -14.09
C ALA B 27 -8.54 -10.96 -14.33
N LEU B 28 -8.42 -10.53 -15.59
CA LEU B 28 -8.40 -9.11 -15.88
C LEU B 28 -9.75 -8.50 -15.52
N GLY B 29 -10.85 -9.15 -15.90
CA GLY B 29 -12.15 -8.60 -15.51
C GLY B 29 -12.27 -8.44 -14.01
N ARG B 30 -11.81 -9.43 -13.24
CA ARG B 30 -11.86 -9.31 -11.79
C ARG B 30 -10.96 -8.17 -11.27
N LEU B 31 -9.79 -7.97 -11.90
CA LEU B 31 -8.92 -6.87 -11.45
C LEU B 31 -9.75 -5.54 -11.51
N LEU B 32 -10.35 -5.27 -12.66
CA LEU B 32 -11.18 -4.08 -12.90
C LEU B 32 -12.38 -3.98 -11.94
N VAL B 33 -12.99 -5.12 -11.59
CA VAL B 33 -14.13 -5.05 -10.66
C VAL B 33 -13.67 -4.90 -9.18
N VAL B 34 -12.67 -5.68 -8.78
CA VAL B 34 -12.23 -5.65 -7.39
C VAL B 34 -11.46 -4.37 -7.02
N TYR B 35 -10.63 -3.89 -7.93
CA TYR B 35 -9.80 -2.70 -7.71
C TYR B 35 -10.26 -1.80 -8.86
N PRO B 36 -11.43 -1.15 -8.69
CA PRO B 36 -12.02 -0.30 -9.72
C PRO B 36 -11.24 0.82 -10.36
N TRP B 37 -10.27 1.40 -9.64
CA TRP B 37 -9.48 2.46 -10.28
C TRP B 37 -8.71 1.89 -11.46
N THR B 38 -8.49 0.59 -11.49
CA THR B 38 -7.75 0.05 -12.64
C THR B 38 -8.52 0.23 -13.95
N GLN B 39 -9.83 0.44 -13.91
CA GLN B 39 -10.62 0.66 -15.13
C GLN B 39 -10.16 1.88 -15.89
N ARG B 40 -9.54 2.82 -15.18
CA ARG B 40 -9.10 4.01 -15.85
C ARG B 40 -8.12 3.67 -17.00
N PHE B 41 -7.31 2.64 -16.83
CA PHE B 41 -6.34 2.24 -17.84
C PHE B 41 -6.96 1.61 -19.06
N PHE B 42 -8.21 1.20 -18.93
CA PHE B 42 -8.88 0.48 -20.00
C PHE B 42 -10.13 1.17 -20.48
N GLU B 43 -10.22 2.47 -20.26
CA GLU B 43 -11.40 3.21 -20.71
C GLU B 43 -11.69 3.11 -22.22
N SER B 44 -10.70 2.78 -23.02
CA SER B 44 -10.94 2.63 -24.46
C SER B 44 -11.57 1.28 -24.81
N PHE B 45 -11.77 0.42 -23.82
CA PHE B 45 -12.39 -0.88 -24.07
C PHE B 45 -13.91 -0.78 -24.13
N GLY B 46 -14.47 0.41 -23.90
CA GLY B 46 -15.92 0.50 -23.97
C GLY B 46 -16.62 0.42 -22.60
N ASP B 47 -17.79 -0.19 -22.58
CA ASP B 47 -18.59 -0.27 -21.37
C ASP B 47 -17.96 -1.12 -20.27
N LEU B 48 -17.62 -0.47 -19.16
CA LEU B 48 -17.07 -1.16 -17.96
C LEU B 48 -17.83 -0.54 -16.79
N SER B 49 -19.10 -0.20 -17.04
CA SER B 49 -19.95 0.46 -16.02
C SER B 49 -20.42 -0.37 -14.84
N THR B 50 -20.44 -1.69 -14.97
CA THR B 50 -20.91 -2.51 -13.85
C THR B 50 -20.13 -3.79 -13.93
N PRO B 51 -20.17 -4.59 -12.85
CA PRO B 51 -19.44 -5.86 -12.85
C PRO B 51 -19.79 -6.71 -14.06
N ASP B 52 -21.09 -6.88 -14.31
CA ASP B 52 -21.51 -7.70 -15.45
C ASP B 52 -21.02 -7.18 -16.81
N ALA B 53 -21.00 -5.87 -16.98
CA ALA B 53 -20.53 -5.29 -18.25
C ALA B 53 -19.02 -5.53 -18.36
N VAL B 54 -18.27 -5.39 -17.27
CA VAL B 54 -16.82 -5.64 -17.32
C VAL B 54 -16.53 -7.11 -17.68
N MET B 55 -17.16 -8.01 -16.94
CA MET B 55 -16.94 -9.43 -17.14
C MET B 55 -17.46 -9.86 -18.52
N GLY B 56 -18.45 -9.15 -19.05
CA GLY B 56 -18.98 -9.53 -20.35
C GLY B 56 -18.41 -8.75 -21.52
N ASN B 57 -17.55 -7.81 -21.22
CA ASN B 57 -16.93 -7.00 -22.24
C ASN B 57 -15.97 -7.79 -23.16
N PRO B 58 -16.26 -7.86 -24.47
CA PRO B 58 -15.46 -8.57 -25.47
C PRO B 58 -13.97 -8.17 -25.50
N LYS B 59 -13.66 -6.89 -25.40
CA LYS B 59 -12.26 -6.48 -25.45
C LYS B 59 -11.50 -6.90 -24.20
N VAL B 60 -12.20 -6.99 -23.06
CA VAL B 60 -11.57 -7.42 -21.81
C VAL B 60 -11.20 -8.87 -21.97
N LYS B 61 -12.13 -9.65 -22.50
CA LYS B 61 -11.86 -11.06 -22.69
C LYS B 61 -10.72 -11.30 -23.72
N ALA B 62 -10.75 -10.56 -24.81
CA ALA B 62 -9.70 -10.68 -25.83
C ALA B 62 -8.33 -10.25 -25.26
N HIS B 63 -8.30 -9.11 -24.59
CA HIS B 63 -7.06 -8.67 -24.02
C HIS B 63 -6.54 -9.68 -22.97
N GLY B 64 -7.46 -10.27 -22.20
CA GLY B 64 -7.12 -11.24 -21.18
C GLY B 64 -6.35 -12.44 -21.74
N LYS B 65 -6.66 -12.82 -22.99
CA LYS B 65 -5.93 -13.94 -23.58
C LYS B 65 -4.44 -13.56 -23.76
N LYS B 66 -4.17 -12.31 -24.14
CA LYS B 66 -2.79 -11.84 -24.29
C LYS B 66 -2.09 -11.84 -22.93
N VAL B 67 -2.76 -11.36 -21.90
CA VAL B 67 -2.18 -11.36 -20.57
C VAL B 67 -1.89 -12.81 -20.14
N LEU B 68 -2.85 -13.72 -20.36
CA LEU B 68 -2.61 -15.11 -19.99
C LEU B 68 -1.41 -15.63 -20.77
N GLY B 69 -1.30 -15.20 -22.03
CA GLY B 69 -0.17 -15.60 -22.88
C GLY B 69 1.17 -15.20 -22.29
N ALA B 70 1.27 -13.98 -21.75
CA ALA B 70 2.49 -13.50 -21.14
C ALA B 70 2.81 -14.30 -19.89
N PHE B 71 1.79 -14.70 -19.13
CA PHE B 71 2.03 -15.50 -17.93
C PHE B 71 2.60 -16.86 -18.32
N SER B 72 2.07 -17.46 -19.39
CA SER B 72 2.58 -18.77 -19.87
C SER B 72 4.07 -18.64 -20.23
N ASP B 73 4.41 -17.56 -20.95
CA ASP B 73 5.79 -17.27 -21.33
C ASP B 73 6.66 -17.21 -20.08
N GLY B 74 6.14 -16.52 -19.07
CA GLY B 74 6.88 -16.44 -17.83
C GLY B 74 7.08 -17.85 -17.29
N LEU B 75 6.02 -18.66 -17.31
CA LEU B 75 6.15 -20.04 -16.80
C LEU B 75 7.22 -20.82 -17.53
N ALA B 76 7.39 -20.55 -18.82
CA ALA B 76 8.38 -21.25 -19.63
C ALA B 76 9.81 -20.71 -19.43
N HIS B 77 9.95 -19.52 -18.87
CA HIS B 77 11.26 -18.95 -18.66
C HIS B 77 11.41 -18.46 -17.24
N LEU B 78 11.06 -19.30 -16.28
CA LEU B 78 11.13 -18.90 -14.87
C LEU B 78 12.56 -18.50 -14.47
N ASP B 79 13.52 -19.04 -15.21
CA ASP B 79 14.94 -18.77 -14.98
C ASP B 79 15.33 -17.34 -15.30
N ASN B 80 14.67 -16.73 -16.28
CA ASN B 80 14.96 -15.34 -16.65
C ASN B 80 13.72 -14.49 -16.94
N LEU B 81 12.96 -14.18 -15.89
CA LEU B 81 11.77 -13.36 -16.04
C LEU B 81 12.17 -11.95 -16.45
N LYS B 82 13.18 -11.41 -15.77
CA LYS B 82 13.66 -10.06 -16.04
C LYS B 82 13.81 -9.80 -17.53
N GLY B 83 14.49 -10.69 -18.24
CA GLY B 83 14.69 -10.49 -19.66
C GLY B 83 13.47 -10.77 -20.51
N THR B 84 12.66 -11.74 -20.10
CA THR B 84 11.46 -12.11 -20.83
C THR B 84 10.39 -11.01 -20.82
N PHE B 85 10.33 -10.25 -19.74
CA PHE B 85 9.33 -9.20 -19.61
C PHE B 85 9.85 -7.78 -19.84
N ALA B 86 11.05 -7.67 -20.43
CA ALA B 86 11.68 -6.38 -20.68
C ALA B 86 10.85 -5.44 -21.54
N THR B 87 10.30 -6.00 -22.60
CA THR B 87 9.48 -5.19 -23.49
C THR B 87 8.18 -4.81 -22.81
N LEU B 88 7.55 -5.75 -22.11
CA LEU B 88 6.32 -5.43 -21.41
C LEU B 88 6.59 -4.43 -20.29
N SER B 89 7.73 -4.57 -19.62
CA SER B 89 8.06 -3.65 -18.55
C SER B 89 8.12 -2.20 -19.03
N GLU B 90 8.80 -1.99 -20.14
CA GLU B 90 8.92 -0.66 -20.70
C GLU B 90 7.52 -0.15 -21.05
N LEU B 91 6.71 -1.00 -21.67
CA LEU B 91 5.35 -0.60 -22.02
C LEU B 91 4.58 -0.13 -20.77
N HIS B 92 4.49 -1.01 -19.77
CA HIS B 92 3.74 -0.65 -18.57
C HIS B 92 4.33 0.47 -17.73
N CYS B 93 5.65 0.63 -17.75
CA CYS B 93 6.24 1.69 -16.94
C CYS B 93 6.31 3.04 -17.65
N ASP B 94 6.78 3.05 -18.87
CA ASP B 94 6.93 4.31 -19.61
C ASP B 94 5.71 4.71 -20.42
N LYS B 95 5.20 3.81 -21.24
CA LYS B 95 4.01 4.15 -22.02
C LYS B 95 2.78 4.26 -21.11
N LEU B 96 2.48 3.21 -20.36
CA LEU B 96 1.30 3.19 -19.48
C LEU B 96 1.37 3.86 -18.11
N HIS B 97 2.52 3.83 -17.46
CA HIS B 97 2.69 4.44 -16.13
C HIS B 97 1.79 3.84 -15.05
N VAL B 98 1.74 2.53 -15.05
CA VAL B 98 0.95 1.77 -14.11
C VAL B 98 1.77 1.64 -12.82
N ASP B 99 1.22 2.01 -11.68
CA ASP B 99 1.97 1.84 -10.46
C ASP B 99 2.20 0.33 -10.26
N PRO B 100 3.44 -0.08 -9.95
CA PRO B 100 3.83 -1.49 -9.74
C PRO B 100 2.99 -2.24 -8.74
N GLU B 101 2.43 -1.51 -7.76
CA GLU B 101 1.57 -2.14 -6.79
C GLU B 101 0.42 -2.83 -7.51
N ASN B 102 0.04 -2.31 -8.68
CA ASN B 102 -1.05 -2.92 -9.44
C ASN B 102 -0.66 -4.27 -10.07
N PHE B 103 0.62 -4.46 -10.40
CA PHE B 103 1.04 -5.73 -10.97
C PHE B 103 0.81 -6.87 -9.98
N ARG B 104 1.11 -6.60 -8.71
CA ARG B 104 0.92 -7.59 -7.64
C ARG B 104 -0.55 -7.91 -7.52
N LEU B 105 -1.38 -6.89 -7.72
CA LEU B 105 -2.83 -7.10 -7.59
C LEU B 105 -3.37 -8.07 -8.64
N LEU B 106 -2.98 -7.89 -9.90
CA LEU B 106 -3.41 -8.79 -10.98
C LEU B 106 -2.88 -10.20 -10.72
N GLY B 107 -1.62 -10.30 -10.30
CA GLY B 107 -1.07 -11.62 -10.01
C GLY B 107 -1.90 -12.29 -8.93
N ASN B 108 -2.27 -11.54 -7.90
CA ASN B 108 -3.08 -12.20 -6.86
C ASN B 108 -4.54 -12.49 -7.28
N VAL B 109 -5.10 -11.63 -8.14
CA VAL B 109 -6.45 -11.93 -8.65
C VAL B 109 -6.35 -13.22 -9.48
N LEU B 110 -5.29 -13.35 -10.30
CA LEU B 110 -5.11 -14.59 -11.08
C LEU B 110 -5.09 -15.81 -10.13
N VAL B 111 -4.38 -15.71 -9.00
CA VAL B 111 -4.35 -16.80 -8.06
C VAL B 111 -5.75 -17.09 -7.53
N CYS B 112 -6.54 -16.05 -7.27
CA CYS B 112 -7.92 -16.26 -6.82
C CYS B 112 -8.73 -17.00 -7.90
N VAL B 113 -8.52 -16.65 -9.17
CA VAL B 113 -9.21 -17.31 -10.28
C VAL B 113 -8.80 -18.79 -10.36
N LEU B 114 -7.52 -19.11 -10.22
CA LEU B 114 -7.09 -20.51 -10.22
C LEU B 114 -7.79 -21.26 -9.08
N ALA B 115 -7.83 -20.68 -7.88
CA ALA B 115 -8.50 -21.30 -6.74
C ALA B 115 -9.99 -21.52 -7.07
N HIS B 116 -10.61 -20.50 -7.62
CA HIS B 116 -12.02 -20.56 -7.96
C HIS B 116 -12.32 -21.70 -8.96
N HIS B 117 -11.47 -21.81 -9.99
CA HIS B 117 -11.61 -22.86 -11.00
C HIS B 117 -11.23 -24.25 -10.55
N PHE B 118 -10.13 -24.40 -9.82
CA PHE B 118 -9.69 -25.75 -9.42
C PHE B 118 -10.10 -26.27 -8.07
N GLY B 119 -10.76 -25.44 -7.25
CA GLY B 119 -11.18 -25.86 -5.92
C GLY B 119 -10.09 -26.51 -5.07
N LYS B 120 -10.39 -27.62 -4.40
CA LYS B 120 -9.42 -28.29 -3.55
C LYS B 120 -8.11 -28.65 -4.23
N GLU B 121 -8.13 -28.77 -5.56
CA GLU B 121 -6.93 -29.12 -6.31
C GLU B 121 -5.87 -28.01 -6.20
N PHE B 122 -6.32 -26.79 -5.93
CA PHE B 122 -5.39 -25.67 -5.78
C PHE B 122 -5.03 -25.70 -4.28
N THR B 123 -4.15 -26.64 -3.93
CA THR B 123 -3.79 -26.85 -2.54
C THR B 123 -2.85 -25.75 -2.01
N PRO B 124 -2.67 -25.68 -0.67
CA PRO B 124 -1.78 -24.63 -0.17
C PRO B 124 -0.39 -24.71 -0.80
N PRO B 125 0.18 -25.93 -0.94
CA PRO B 125 1.52 -25.93 -1.55
C PRO B 125 1.49 -25.49 -3.00
N VAL B 126 0.43 -25.85 -3.72
CA VAL B 126 0.32 -25.46 -5.12
C VAL B 126 0.21 -23.94 -5.17
N GLN B 127 -0.52 -23.35 -4.22
CA GLN B 127 -0.63 -21.89 -4.20
C GLN B 127 0.74 -21.27 -3.93
N ALA B 128 1.46 -21.82 -2.96
CA ALA B 128 2.79 -21.27 -2.62
C ALA B 128 3.66 -21.21 -3.86
N ALA B 129 3.59 -22.25 -4.70
CA ALA B 129 4.39 -22.27 -5.94
C ALA B 129 3.95 -21.14 -6.86
N TYR B 130 2.64 -21.00 -7.05
CA TYR B 130 2.13 -19.94 -7.89
C TYR B 130 2.43 -18.55 -7.35
N GLN B 131 2.50 -18.40 -6.04
CA GLN B 131 2.79 -17.08 -5.48
C GLN B 131 4.22 -16.68 -5.87
N LYS B 132 5.16 -17.63 -5.88
CA LYS B 132 6.52 -17.29 -6.32
C LYS B 132 6.47 -16.87 -7.78
N VAL B 133 5.70 -17.63 -8.56
CA VAL B 133 5.60 -17.33 -9.97
C VAL B 133 5.05 -15.93 -10.19
N VAL B 134 3.93 -15.59 -9.56
CA VAL B 134 3.41 -14.28 -9.86
C VAL B 134 4.24 -13.16 -9.27
N ALA B 135 4.94 -13.40 -8.16
CA ALA B 135 5.76 -12.33 -7.59
C ALA B 135 6.89 -12.09 -8.57
N GLY B 136 7.38 -13.16 -9.20
CA GLY B 136 8.43 -13.01 -10.19
C GLY B 136 8.00 -12.18 -11.40
N VAL B 137 6.79 -12.45 -11.87
CA VAL B 137 6.29 -11.73 -13.03
C VAL B 137 6.12 -10.25 -12.65
N ALA B 138 5.53 -10.00 -11.48
CA ALA B 138 5.31 -8.62 -11.05
C ALA B 138 6.65 -7.92 -10.90
N ASN B 139 7.62 -8.61 -10.28
CA ASN B 139 8.95 -8.03 -10.09
C ASN B 139 9.63 -7.76 -11.42
N ALA B 140 9.40 -8.64 -12.39
CA ALA B 140 10.01 -8.46 -13.71
C ALA B 140 9.38 -7.27 -14.44
N LEU B 141 8.09 -7.03 -14.23
CA LEU B 141 7.47 -5.90 -14.91
C LEU B 141 7.77 -4.57 -14.26
N ALA B 142 8.21 -4.60 -13.00
CA ALA B 142 8.48 -3.35 -12.33
C ALA B 142 9.95 -2.97 -12.38
N HIS B 143 10.73 -3.64 -13.21
CA HIS B 143 12.18 -3.38 -13.32
C HIS B 143 12.56 -2.05 -14.01
N LYS B 144 11.63 -1.46 -14.78
CA LYS B 144 11.88 -0.19 -15.47
C LYS B 144 12.06 0.95 -14.51
N TYR B 145 11.97 0.61 -13.23
CA TYR B 145 12.15 1.60 -12.11
C TYR B 145 13.08 0.76 -11.23
N HIS B 146 12.25 -0.27 -10.99
CA HIS B 146 12.25 -1.47 -10.15
C HIS B 146 12.26 -0.91 -8.75
N VAL C 1 -8.41 4.68 11.41
CA VAL C 1 -9.23 5.09 12.54
C VAL C 1 -8.46 6.06 13.44
N LEU C 2 -9.01 7.26 13.64
CA LEU C 2 -8.40 8.29 14.47
C LEU C 2 -8.85 8.15 15.94
N SER C 3 -7.93 8.40 16.85
CA SER C 3 -8.25 8.34 18.28
C SER C 3 -8.81 9.71 18.68
N PRO C 4 -9.32 9.83 19.91
CA PRO C 4 -9.85 11.12 20.35
C PRO C 4 -8.71 12.15 20.29
N ALA C 5 -7.50 11.73 20.67
CA ALA C 5 -6.34 12.66 20.65
C ALA C 5 -5.97 13.05 19.22
N ASP C 6 -6.07 12.10 18.27
CA ASP C 6 -5.76 12.43 16.88
C ASP C 6 -6.73 13.54 16.46
N LYS C 7 -7.99 13.38 16.84
CA LYS C 7 -8.96 14.36 16.40
C LYS C 7 -8.65 15.74 16.93
N THR C 8 -8.18 15.82 18.19
CA THR C 8 -7.83 17.11 18.82
C THR C 8 -6.59 17.64 18.14
N ASN C 9 -5.69 16.75 17.80
CA ASN C 9 -4.49 17.23 17.13
C ASN C 9 -4.86 17.82 15.75
N VAL C 10 -5.71 17.12 15.01
CA VAL C 10 -6.08 17.57 13.64
C VAL C 10 -6.82 18.92 13.66
N LYS C 11 -7.77 19.05 14.58
CA LYS C 11 -8.49 20.31 14.72
C LYS C 11 -7.56 21.46 15.15
N ALA C 12 -6.66 21.19 16.09
CA ALA C 12 -5.74 22.22 16.57
C ALA C 12 -4.76 22.63 15.47
N ALA C 13 -4.14 21.65 14.83
CA ALA C 13 -3.19 21.93 13.76
C ALA C 13 -3.83 22.66 12.57
N TRP C 14 -5.00 22.20 12.13
CA TRP C 14 -5.66 22.84 10.99
C TRP C 14 -6.07 24.24 11.42
N GLY C 15 -6.37 24.38 12.72
CA GLY C 15 -6.71 25.67 13.28
C GLY C 15 -5.51 26.58 13.13
N LYS C 16 -4.31 26.09 13.47
CA LYS C 16 -3.09 26.89 13.33
C LYS C 16 -2.84 27.27 11.82
N VAL C 17 -3.18 26.34 10.92
CA VAL C 17 -2.99 26.58 9.49
C VAL C 17 -3.88 27.79 9.18
N GLY C 18 -5.05 27.82 9.78
CA GLY C 18 -5.99 28.92 9.60
C GLY C 18 -6.24 29.40 8.17
N ALA C 19 -6.09 30.72 7.99
CA ALA C 19 -6.34 31.34 6.69
C ALA C 19 -5.38 30.95 5.56
N HIS C 20 -4.25 30.29 5.90
CA HIS C 20 -3.26 29.83 4.91
C HIS C 20 -3.60 28.46 4.28
N ALA C 21 -4.72 27.84 4.65
CA ALA C 21 -5.07 26.51 4.12
C ALA C 21 -5.07 26.47 2.56
N GLY C 22 -5.76 27.44 1.91
CA GLY C 22 -5.76 27.52 0.44
C GLY C 22 -4.36 27.59 -0.18
N GLU C 23 -3.51 28.44 0.36
CA GLU C 23 -2.16 28.56 -0.13
C GLU C 23 -1.42 27.21 0.00
N TYR C 24 -1.60 26.57 1.16
CA TYR C 24 -0.92 25.31 1.40
C TYR C 24 -1.43 24.21 0.45
N GLY C 25 -2.73 24.18 0.18
CA GLY C 25 -3.24 23.18 -0.76
C GLY C 25 -2.67 23.43 -2.15
N ALA C 26 -2.56 24.71 -2.54
CA ALA C 26 -1.99 25.05 -3.83
C ALA C 26 -0.49 24.63 -3.89
N GLU C 27 0.27 24.87 -2.83
CA GLU C 27 1.68 24.51 -2.83
C GLU C 27 1.82 22.95 -2.81
N ALA C 28 0.96 22.25 -2.06
CA ALA C 28 0.98 20.78 -2.03
C ALA C 28 0.74 20.27 -3.46
N LEU C 29 -0.21 20.87 -4.18
CA LEU C 29 -0.43 20.44 -5.58
C LEU C 29 0.78 20.71 -6.44
N GLU C 30 1.40 21.88 -6.25
CA GLU C 30 2.54 22.24 -7.07
C GLU C 30 3.66 21.30 -6.80
N ARG C 31 3.86 20.99 -5.51
CA ARG C 31 4.94 20.08 -5.15
C ARG C 31 4.72 18.68 -5.77
N MET C 32 3.48 18.21 -5.74
CA MET C 32 3.15 16.89 -6.27
C MET C 32 3.42 16.81 -7.81
N PHE C 33 2.93 17.83 -8.51
CA PHE C 33 3.07 17.88 -9.97
C PHE C 33 4.50 17.92 -10.40
N LEU C 34 5.35 18.58 -9.62
CA LEU C 34 6.77 18.64 -9.94
C LEU C 34 7.47 17.38 -9.55
N SER C 35 7.20 16.86 -8.35
CA SER C 35 7.88 15.64 -7.88
C SER C 35 7.44 14.33 -8.53
N PHE C 36 6.19 14.27 -8.94
CA PHE C 36 5.61 13.04 -9.51
C PHE C 36 4.83 13.52 -10.74
N PRO C 37 5.56 13.83 -11.82
CA PRO C 37 4.87 14.33 -13.01
C PRO C 37 3.75 13.47 -13.61
N THR C 38 3.74 12.15 -13.34
CA THR C 38 2.63 11.36 -13.87
C THR C 38 1.29 11.82 -13.29
N THR C 39 1.29 12.48 -12.11
CA THR C 39 0.01 12.98 -11.53
C THR C 39 -0.60 14.05 -12.43
N LYS C 40 0.22 14.72 -13.22
CA LYS C 40 -0.31 15.74 -14.12
C LYS C 40 -1.23 15.19 -15.19
N THR C 41 -1.14 13.89 -15.45
CA THR C 41 -2.00 13.33 -16.49
C THR C 41 -3.45 13.40 -16.05
N TYR C 42 -3.70 13.64 -14.76
CA TYR C 42 -5.08 13.76 -14.30
C TYR C 42 -5.60 15.18 -14.53
N PHE C 43 -4.71 16.13 -14.85
CA PHE C 43 -5.16 17.52 -15.04
C PHE C 43 -4.72 18.05 -16.42
N PRO C 44 -5.07 17.33 -17.50
CA PRO C 44 -4.65 17.80 -18.82
C PRO C 44 -5.18 19.19 -19.23
N HIS C 45 -6.36 19.60 -18.77
CA HIS C 45 -6.88 20.89 -19.16
C HIS C 45 -6.43 22.09 -18.29
N PHE C 46 -5.65 21.83 -17.25
CA PHE C 46 -5.16 22.90 -16.35
C PHE C 46 -3.92 23.59 -16.82
N ASP C 47 -3.77 24.85 -16.43
CA ASP C 47 -2.52 25.57 -16.67
C ASP C 47 -1.72 25.09 -15.42
N LEU C 48 -0.64 24.33 -15.60
CA LEU C 48 0.12 23.81 -14.46
C LEU C 48 1.52 24.45 -14.27
N SER C 49 1.74 25.59 -14.90
CA SER C 49 3.01 26.29 -14.72
C SER C 49 3.16 26.82 -13.30
N HIS C 50 4.39 27.05 -12.89
CA HIS C 50 4.61 27.57 -11.56
C HIS C 50 3.78 28.85 -11.37
N GLY C 51 3.05 28.97 -10.27
CA GLY C 51 2.28 30.19 -10.04
C GLY C 51 0.92 30.30 -10.73
N SER C 52 0.58 29.28 -11.52
CA SER C 52 -0.68 29.26 -12.24
C SER C 52 -1.87 29.64 -11.37
N ALA C 53 -2.69 30.56 -11.86
CA ALA C 53 -3.85 30.98 -11.09
C ALA C 53 -4.85 29.83 -10.99
N GLN C 54 -4.86 28.96 -12.01
CA GLN C 54 -5.80 27.85 -11.95
C GLN C 54 -5.38 26.88 -10.80
N VAL C 55 -4.08 26.68 -10.59
CA VAL C 55 -3.66 25.78 -9.49
C VAL C 55 -3.93 26.44 -8.15
N LYS C 56 -3.67 27.76 -8.03
CA LYS C 56 -3.96 28.45 -6.78
C LYS C 56 -5.45 28.32 -6.46
N GLY C 57 -6.27 28.43 -7.48
CA GLY C 57 -7.72 28.31 -7.31
C GLY C 57 -8.16 26.91 -6.96
N HIS C 58 -7.55 25.89 -7.56
CA HIS C 58 -7.94 24.54 -7.24
C HIS C 58 -7.42 24.15 -5.80
N GLY C 59 -6.29 24.71 -5.38
CA GLY C 59 -5.73 24.42 -4.05
C GLY C 59 -6.69 24.90 -2.94
N LYS C 60 -7.39 26.01 -3.21
CA LYS C 60 -8.37 26.53 -2.25
C LYS C 60 -9.53 25.54 -2.17
N LYS C 61 -9.95 25.00 -3.30
CA LYS C 61 -11.03 24.00 -3.26
C LYS C 61 -10.63 22.77 -2.41
N VAL C 62 -9.44 22.23 -2.68
CA VAL C 62 -8.91 21.05 -1.91
C VAL C 62 -8.89 21.40 -0.40
N ALA C 63 -8.32 22.56 -0.05
CA ALA C 63 -8.22 23.02 1.33
C ALA C 63 -9.59 23.14 1.94
N ASP C 64 -10.57 23.72 1.23
CA ASP C 64 -11.90 23.80 1.80
C ASP C 64 -12.54 22.44 2.00
N ALA C 65 -12.23 21.46 1.15
CA ALA C 65 -12.80 20.12 1.34
C ALA C 65 -12.14 19.52 2.63
N LEU C 66 -10.87 19.80 2.86
CA LEU C 66 -10.24 19.26 4.05
C LEU C 66 -10.81 19.95 5.29
N THR C 67 -11.01 21.27 5.21
CA THR C 67 -11.57 21.97 6.36
C THR C 67 -12.92 21.33 6.72
N ASN C 68 -13.69 20.98 5.69
CA ASN C 68 -14.97 20.35 5.86
C ASN C 68 -14.77 18.96 6.52
N ALA C 69 -13.76 18.23 6.08
CA ALA C 69 -13.48 16.91 6.65
C ALA C 69 -13.11 17.04 8.14
N VAL C 70 -12.26 18.02 8.48
CA VAL C 70 -11.86 18.25 9.86
C VAL C 70 -13.10 18.51 10.73
N ALA C 71 -14.05 19.29 10.21
CA ALA C 71 -15.27 19.62 10.91
C ALA C 71 -16.24 18.46 11.05
N HIS C 72 -16.12 17.45 10.19
CA HIS C 72 -16.98 16.27 10.25
C HIS C 72 -16.13 15.03 10.40
N VAL C 73 -15.02 15.20 11.11
CA VAL C 73 -14.08 14.11 11.31
C VAL C 73 -14.74 12.81 11.83
N ASP C 74 -15.87 12.93 12.55
CA ASP C 74 -16.56 11.74 13.06
C ASP C 74 -17.33 10.96 12.01
N ASP C 75 -17.68 11.60 10.91
CA ASP C 75 -18.41 10.92 9.85
C ASP C 75 -18.02 11.49 8.50
N MET C 76 -16.79 11.21 8.08
CA MET C 76 -16.27 11.68 6.81
C MET C 76 -16.95 11.11 5.57
N PRO C 77 -17.36 9.83 5.59
CA PRO C 77 -18.03 9.26 4.41
C PRO C 77 -19.25 10.10 4.04
N ASN C 78 -20.05 10.44 5.05
CA ASN C 78 -21.26 11.21 4.80
C ASN C 78 -20.86 12.57 4.27
N ALA C 79 -19.96 13.25 4.99
CA ALA C 79 -19.53 14.59 4.61
C ALA C 79 -18.85 14.70 3.22
N LEU C 80 -18.12 13.65 2.83
CA LEU C 80 -17.41 13.70 1.53
C LEU C 80 -18.05 12.83 0.41
N SER C 81 -19.33 12.45 0.54
CA SER C 81 -19.94 11.57 -0.47
C SER C 81 -19.82 12.10 -1.92
N ALA C 82 -20.07 13.40 -2.11
CA ALA C 82 -19.96 14.01 -3.43
C ALA C 82 -18.50 13.91 -3.93
N LEU C 83 -17.52 14.20 -3.07
CA LEU C 83 -16.13 14.10 -3.52
C LEU C 83 -15.72 12.67 -3.81
N SER C 84 -16.26 11.70 -3.06
CA SER C 84 -15.92 10.29 -3.30
C SER C 84 -16.51 9.92 -4.69
N ASP C 85 -17.72 10.38 -4.93
CA ASP C 85 -18.35 10.12 -6.22
C ASP C 85 -17.47 10.66 -7.32
N LEU C 86 -16.99 11.89 -7.15
CA LEU C 86 -16.12 12.43 -8.15
C LEU C 86 -14.79 11.66 -8.35
N HIS C 87 -14.03 11.41 -7.27
CA HIS C 87 -12.72 10.75 -7.42
C HIS C 87 -12.73 9.26 -7.64
N ALA C 88 -13.70 8.56 -7.03
CA ALA C 88 -13.75 7.13 -7.14
C ALA C 88 -14.67 6.63 -8.24
N HIS C 89 -15.82 7.24 -8.40
CA HIS C 89 -16.72 6.73 -9.45
C HIS C 89 -16.45 7.38 -10.82
N LYS C 90 -16.15 8.67 -10.83
CA LYS C 90 -15.95 9.35 -12.11
C LYS C 90 -14.56 9.45 -12.64
N LEU C 91 -13.62 9.85 -11.81
CA LEU C 91 -12.25 10.01 -12.27
C LEU C 91 -11.39 8.76 -12.14
N ARG C 92 -11.76 7.89 -11.20
CA ARG C 92 -11.04 6.65 -10.92
C ARG C 92 -9.55 6.84 -10.61
N VAL C 93 -9.28 7.73 -9.68
CA VAL C 93 -7.94 8.02 -9.29
C VAL C 93 -7.31 6.83 -8.58
N ASP C 94 -6.15 6.40 -9.08
CA ASP C 94 -5.42 5.29 -8.47
C ASP C 94 -5.04 5.76 -7.01
N PRO C 95 -5.30 4.95 -5.99
CA PRO C 95 -4.98 5.36 -4.62
C PRO C 95 -3.53 5.76 -4.42
N VAL C 96 -2.61 5.26 -5.24
CA VAL C 96 -1.24 5.69 -5.05
C VAL C 96 -1.13 7.21 -5.10
N ASN C 97 -1.92 7.86 -5.96
CA ASN C 97 -1.84 9.31 -6.08
C ASN C 97 -2.29 10.05 -4.83
N PHE C 98 -3.20 9.47 -4.08
CA PHE C 98 -3.62 10.10 -2.82
C PHE C 98 -2.44 10.06 -1.82
N LYS C 99 -1.66 8.98 -1.86
CA LYS C 99 -0.50 8.90 -1.00
C LYS C 99 0.45 9.98 -1.40
N LEU C 100 0.60 10.22 -2.71
CA LEU C 100 1.53 11.27 -3.15
C LEU C 100 1.05 12.68 -2.70
N LEU C 101 -0.22 13.00 -2.92
CA LEU C 101 -0.72 14.31 -2.50
C LEU C 101 -0.63 14.46 -0.96
N SER C 102 -1.01 13.41 -0.21
CA SER C 102 -0.95 13.46 1.27
C SER C 102 0.46 13.77 1.70
N HIS C 103 1.43 13.09 1.09
CA HIS C 103 2.83 13.35 1.43
C HIS C 103 3.22 14.84 1.10
N CYS C 104 2.82 15.34 -0.08
CA CYS C 104 3.17 16.70 -0.47
C CYS C 104 2.52 17.71 0.44
N LEU C 105 1.35 17.42 0.93
CA LEU C 105 0.71 18.33 1.87
C LEU C 105 1.49 18.33 3.23
N LEU C 106 1.92 17.15 3.69
CA LEU C 106 2.69 17.08 4.92
C LEU C 106 4.01 17.81 4.71
N VAL C 107 4.61 17.68 3.53
CA VAL C 107 5.86 18.39 3.24
C VAL C 107 5.61 19.91 3.29
N THR C 108 4.47 20.31 2.73
CA THR C 108 4.11 21.73 2.77
C THR C 108 3.91 22.22 4.20
N LEU C 109 3.16 21.46 5.02
CA LEU C 109 2.95 21.91 6.42
C LEU C 109 4.30 22.02 7.13
N ALA C 110 5.13 21.00 6.96
CA ALA C 110 6.45 21.00 7.59
C ALA C 110 7.30 22.23 7.25
N ALA C 111 7.31 22.62 5.96
CA ALA C 111 8.04 23.79 5.47
C ALA C 111 7.48 25.09 6.03
N HIS C 112 6.18 25.10 6.34
CA HIS C 112 5.50 26.29 6.88
C HIS C 112 5.28 26.37 8.40
N LEU C 113 5.37 25.24 9.09
CA LEU C 113 5.10 25.22 10.52
C LEU C 113 6.26 24.76 11.36
N PRO C 114 7.40 25.46 11.31
CA PRO C 114 8.49 24.96 12.13
C PRO C 114 8.22 24.93 13.62
N ALA C 115 7.27 25.71 14.08
CA ALA C 115 6.98 25.72 15.50
C ALA C 115 5.81 24.85 15.95
N GLU C 116 5.01 24.35 15.00
CA GLU C 116 3.84 23.60 15.35
C GLU C 116 3.73 22.20 14.76
N PHE C 117 4.61 21.88 13.80
CA PHE C 117 4.56 20.56 13.16
C PHE C 117 5.29 19.51 14.00
N THR C 118 4.75 19.23 15.19
CA THR C 118 5.30 18.25 16.14
C THR C 118 5.10 16.81 15.65
N PRO C 119 5.89 15.88 16.21
CA PRO C 119 5.75 14.46 15.81
C PRO C 119 4.31 13.97 16.02
N ALA C 120 3.64 14.39 17.09
CA ALA C 120 2.27 13.86 17.30
C ALA C 120 1.30 14.44 16.27
N VAL C 121 1.45 15.72 15.97
CA VAL C 121 0.63 16.41 14.99
C VAL C 121 0.86 15.74 13.62
N HIS C 122 2.12 15.53 13.28
CA HIS C 122 2.50 14.90 12.01
C HIS C 122 1.79 13.53 11.97
N ALA C 123 1.86 12.77 13.06
CA ALA C 123 1.22 11.43 13.08
C ALA C 123 -0.29 11.46 12.87
N SER C 124 -0.96 12.36 13.61
CA SER C 124 -2.40 12.47 13.51
C SER C 124 -2.87 12.97 12.13
N LEU C 125 -2.10 13.87 11.51
CA LEU C 125 -2.44 14.42 10.22
C LEU C 125 -2.23 13.37 9.14
N ASP C 126 -1.19 12.57 9.28
CA ASP C 126 -0.91 11.54 8.29
C ASP C 126 -2.09 10.55 8.29
N LYS C 127 -2.54 10.13 9.47
CA LYS C 127 -3.69 9.20 9.55
C LYS C 127 -4.97 9.84 9.01
N PHE C 128 -5.15 11.10 9.35
CA PHE C 128 -6.34 11.86 8.89
C PHE C 128 -6.39 11.88 7.35
N LEU C 129 -5.23 12.12 6.71
CA LEU C 129 -5.17 12.13 5.25
C LEU C 129 -5.36 10.73 4.69
N ALA C 130 -4.83 9.68 5.37
CA ALA C 130 -5.06 8.28 4.94
C ALA C 130 -6.59 8.01 5.01
N SER C 131 -7.22 8.53 6.05
CA SER C 131 -8.66 8.38 6.25
C SER C 131 -9.49 9.05 5.09
N VAL C 132 -9.16 10.29 4.77
CA VAL C 132 -9.80 11.00 3.67
C VAL C 132 -9.52 10.25 2.34
N SER C 133 -8.27 9.80 2.11
CA SER C 133 -7.92 9.09 0.89
C SER C 133 -8.75 7.82 0.71
N THR C 134 -8.99 7.12 1.81
CA THR C 134 -9.82 5.91 1.77
C THR C 134 -11.25 6.24 1.34
N VAL C 135 -11.79 7.33 1.88
CA VAL C 135 -13.17 7.72 1.49
C VAL C 135 -13.24 8.11 0.00
N LEU C 136 -12.27 8.89 -0.48
CA LEU C 136 -12.23 9.34 -1.86
C LEU C 136 -11.88 8.22 -2.85
N THR C 137 -11.33 7.10 -2.38
CA THR C 137 -11.04 6.01 -3.30
C THR C 137 -12.05 4.89 -3.19
N SER C 138 -13.08 5.06 -2.34
CA SER C 138 -14.08 3.98 -2.16
C SER C 138 -15.42 4.32 -2.83
N LYS C 139 -16.05 3.34 -3.47
CA LYS C 139 -17.36 3.57 -4.04
C LYS C 139 -18.33 3.00 -3.00
N TYR C 140 -19.04 3.88 -2.30
CA TYR C 140 -19.98 3.43 -1.26
C TYR C 140 -21.43 3.90 -1.38
N ARG C 141 -21.80 4.33 -2.58
CA ARG C 141 -23.17 4.75 -2.87
C ARG C 141 -24.07 3.51 -2.99
N VAL D 1 17.89 6.91 -11.90
CA VAL D 1 18.33 8.01 -10.99
C VAL D 1 18.73 9.25 -11.79
N HIS D 2 17.73 9.99 -12.26
CA HIS D 2 17.93 11.21 -13.05
C HIS D 2 18.97 12.16 -12.43
N LEU D 3 18.48 13.28 -11.91
CA LEU D 3 19.32 14.31 -11.29
C LEU D 3 20.02 15.18 -12.31
N THR D 4 19.25 16.09 -12.90
CA THR D 4 19.82 17.00 -13.85
C THR D 4 21.01 17.62 -13.13
N PRO D 5 22.04 18.04 -13.88
CA PRO D 5 23.22 18.64 -13.28
C PRO D 5 22.85 19.67 -12.22
N GLU D 6 21.75 20.36 -12.46
CA GLU D 6 21.25 21.38 -11.54
C GLU D 6 20.61 20.80 -10.27
N GLU D 7 19.94 19.67 -10.40
CA GLU D 7 19.31 19.01 -9.26
C GLU D 7 20.40 18.46 -8.36
N LYS D 8 21.40 17.85 -9.00
CA LYS D 8 22.51 17.26 -8.28
C LYS D 8 23.17 18.36 -7.45
N SER D 9 23.28 19.53 -8.04
CA SER D 9 23.88 20.65 -7.33
C SER D 9 23.01 21.08 -6.16
N ALA D 10 21.71 21.23 -6.44
CA ALA D 10 20.74 21.63 -5.42
C ALA D 10 20.78 20.67 -4.24
N VAL D 11 20.75 19.39 -4.55
CA VAL D 11 20.77 18.36 -3.52
C VAL D 11 22.06 18.44 -2.71
N THR D 12 23.17 18.64 -3.41
CA THR D 12 24.46 18.73 -2.74
C THR D 12 24.56 19.96 -1.87
N ALA D 13 24.13 21.08 -2.40
CA ALA D 13 24.16 22.28 -1.59
C ALA D 13 23.29 22.08 -0.34
N LEU D 14 22.10 21.50 -0.46
CA LEU D 14 21.29 21.38 0.76
C LEU D 14 21.88 20.42 1.79
N TRP D 15 22.41 19.29 1.34
CA TRP D 15 22.94 18.28 2.24
C TRP D 15 24.11 18.81 3.09
N GLY D 16 24.92 19.67 2.49
CA GLY D 16 26.04 20.24 3.25
C GLY D 16 25.56 20.96 4.50
N LYS D 17 24.32 21.43 4.50
CA LYS D 17 23.77 22.14 5.65
C LYS D 17 23.05 21.22 6.60
N VAL D 18 22.96 19.93 6.25
CA VAL D 18 22.25 19.00 7.12
C VAL D 18 23.05 18.58 8.36
N ASN D 19 22.41 18.67 9.53
CA ASN D 19 23.02 18.33 10.79
C ASN D 19 23.15 16.81 10.88
N VAL D 20 24.38 16.36 10.74
CA VAL D 20 24.77 14.95 10.72
C VAL D 20 24.46 14.17 11.99
N ASP D 21 24.47 14.86 13.12
CA ASP D 21 24.22 14.19 14.37
C ASP D 21 22.75 14.05 14.73
N GLU D 22 21.90 14.89 14.14
CA GLU D 22 20.48 14.86 14.54
C GLU D 22 19.39 14.49 13.55
N VAL D 23 19.51 14.95 12.32
CA VAL D 23 18.50 14.70 11.29
C VAL D 23 18.15 13.23 11.14
N GLY D 24 19.16 12.35 11.19
CA GLY D 24 18.88 10.92 11.05
C GLY D 24 18.05 10.43 12.21
N GLY D 25 18.35 10.89 13.42
CA GLY D 25 17.57 10.44 14.55
C GLY D 25 16.16 11.05 14.53
N GLU D 26 15.99 12.25 13.98
CA GLU D 26 14.62 12.80 13.93
C GLU D 26 13.76 12.03 12.93
N ALA D 27 14.38 11.63 11.81
CA ALA D 27 13.64 10.89 10.77
C ALA D 27 13.19 9.55 11.27
N LEU D 28 14.08 8.83 11.96
CA LEU D 28 13.74 7.51 12.49
C LEU D 28 12.71 7.66 13.60
N GLY D 29 12.89 8.67 14.44
CA GLY D 29 11.94 8.87 15.52
C GLY D 29 10.58 9.20 14.95
N ARG D 30 10.52 10.07 13.93
CA ARG D 30 9.21 10.38 13.39
C ARG D 30 8.60 9.13 12.70
N LEU D 31 9.43 8.30 12.07
CA LEU D 31 8.87 7.06 11.49
C LEU D 31 8.20 6.19 12.56
N LEU D 32 8.90 6.05 13.69
CA LEU D 32 8.38 5.27 14.81
C LEU D 32 7.11 5.85 15.39
N VAL D 33 6.96 7.18 15.37
CA VAL D 33 5.75 7.79 15.89
C VAL D 33 4.56 7.78 14.89
N VAL D 34 4.85 8.08 13.63
CA VAL D 34 3.85 8.20 12.59
C VAL D 34 3.30 6.86 12.09
N TYR D 35 4.17 5.85 12.00
CA TYR D 35 3.82 4.49 11.50
C TYR D 35 4.27 3.60 12.67
N PRO D 36 3.44 3.53 13.74
CA PRO D 36 3.77 2.78 14.95
C PRO D 36 4.22 1.33 14.89
N TRP D 37 3.75 0.59 13.87
CA TRP D 37 4.17 -0.82 13.70
C TRP D 37 5.65 -0.95 13.51
N THR D 38 6.30 0.11 13.04
CA THR D 38 7.75 0.06 12.80
C THR D 38 8.50 -0.12 14.13
N GLN D 39 7.83 0.17 15.25
CA GLN D 39 8.45 0.03 16.57
C GLN D 39 8.79 -1.44 16.87
N ARG D 40 8.11 -2.36 16.19
CA ARG D 40 8.32 -3.77 16.41
C ARG D 40 9.75 -4.23 16.19
N PHE D 41 10.47 -3.58 15.28
CA PHE D 41 11.83 -3.94 14.95
C PHE D 41 12.87 -3.33 15.89
N PHE D 42 12.46 -2.51 16.86
CA PHE D 42 13.43 -1.81 17.74
C PHE D 42 13.19 -2.02 19.24
N GLU D 43 12.68 -3.19 19.60
CA GLU D 43 12.43 -3.48 21.01
C GLU D 43 13.66 -3.29 21.88
N SER D 44 14.85 -3.58 21.37
CA SER D 44 16.02 -3.43 22.24
C SER D 44 16.42 -1.98 22.47
N PHE D 45 15.70 -1.04 21.84
CA PHE D 45 16.05 0.38 21.96
C PHE D 45 15.54 1.03 23.23
N GLY D 46 14.61 0.39 23.92
CA GLY D 46 14.09 0.99 25.15
C GLY D 46 12.70 1.59 25.03
N ASP D 47 12.45 2.61 25.86
CA ASP D 47 11.16 3.25 25.90
C ASP D 47 10.81 3.99 24.59
N LEU D 48 9.71 3.57 23.98
CA LEU D 48 9.20 4.21 22.75
C LEU D 48 7.70 4.41 22.97
N SER D 49 7.29 4.38 24.25
CA SER D 49 5.88 4.50 24.63
C SER D 49 5.12 5.78 24.32
N THR D 50 5.81 6.91 24.18
CA THR D 50 5.16 8.19 23.87
C THR D 50 6.04 8.97 22.84
N PRO D 51 5.46 9.93 22.11
CA PRO D 51 6.31 10.66 21.15
C PRO D 51 7.52 11.28 21.87
N ASP D 52 7.35 11.77 23.12
CA ASP D 52 8.55 12.34 23.77
C ASP D 52 9.58 11.24 24.04
N ALA D 53 9.13 10.06 24.47
CA ALA D 53 10.09 8.99 24.74
C ALA D 53 10.83 8.64 23.48
N VAL D 54 10.10 8.53 22.38
CA VAL D 54 10.70 8.16 21.10
C VAL D 54 11.71 9.18 20.60
N MET D 55 11.32 10.45 20.53
CA MET D 55 12.21 11.49 20.02
C MET D 55 13.44 11.74 20.87
N GLY D 56 13.35 11.40 22.15
CA GLY D 56 14.49 11.64 23.01
C GLY D 56 15.26 10.35 23.27
N ASN D 57 14.77 9.19 22.80
CA ASN D 57 15.46 7.90 23.00
C ASN D 57 16.93 7.95 22.49
N PRO D 58 17.91 7.74 23.38
CA PRO D 58 19.32 7.82 22.95
C PRO D 58 19.71 6.82 21.91
N LYS D 59 19.10 5.63 21.93
CA LYS D 59 19.44 4.59 20.92
C LYS D 59 18.96 4.99 19.53
N VAL D 60 17.74 5.52 19.48
CA VAL D 60 17.13 6.01 18.23
C VAL D 60 18.06 7.10 17.68
N LYS D 61 18.47 8.02 18.55
CA LYS D 61 19.35 9.09 18.11
C LYS D 61 20.70 8.53 17.60
N ALA D 62 21.29 7.61 18.37
CA ALA D 62 22.58 7.05 17.99
C ALA D 62 22.45 6.24 16.68
N HIS D 63 21.41 5.43 16.62
CA HIS D 63 21.19 4.63 15.44
C HIS D 63 20.88 5.49 14.23
N GLY D 64 20.08 6.55 14.40
CA GLY D 64 19.76 7.42 13.29
C GLY D 64 20.97 8.05 12.65
N LYS D 65 22.02 8.28 13.43
CA LYS D 65 23.25 8.87 12.86
C LYS D 65 23.81 7.86 11.78
N LYS D 66 23.72 6.57 12.05
CA LYS D 66 24.20 5.57 11.05
C LYS D 66 23.27 5.58 9.86
N VAL D 67 21.96 5.70 10.10
CA VAL D 67 21.00 5.77 9.01
C VAL D 67 21.33 6.95 8.10
N LEU D 68 21.54 8.13 8.69
CA LEU D 68 21.86 9.33 7.93
C LEU D 68 23.18 9.09 7.14
N GLY D 69 24.14 8.40 7.77
CA GLY D 69 25.43 8.12 7.12
C GLY D 69 25.25 7.33 5.82
N ALA D 70 24.34 6.37 5.86
CA ALA D 70 24.02 5.57 4.68
C ALA D 70 23.38 6.46 3.60
N PHE D 71 22.49 7.38 4.01
CA PHE D 71 21.91 8.28 3.02
C PHE D 71 23.03 9.12 2.38
N SER D 72 23.96 9.62 3.21
CA SER D 72 25.09 10.43 2.71
C SER D 72 25.82 9.63 1.67
N ASP D 73 26.01 8.36 1.97
CA ASP D 73 26.69 7.44 1.06
C ASP D 73 26.00 7.38 -0.27
N GLY D 74 24.68 7.27 -0.24
CA GLY D 74 23.96 7.22 -1.50
C GLY D 74 24.11 8.50 -2.30
N LEU D 75 24.08 9.63 -1.62
CA LEU D 75 24.23 10.91 -2.32
C LEU D 75 25.63 10.98 -2.95
N ALA D 76 26.64 10.42 -2.28
CA ALA D 76 28.01 10.43 -2.84
C ALA D 76 28.25 9.43 -3.98
N HIS D 77 27.25 8.59 -4.29
CA HIS D 77 27.38 7.57 -5.35
C HIS D 77 26.03 7.41 -5.99
N LEU D 78 25.46 8.53 -6.44
CA LEU D 78 24.13 8.52 -7.05
C LEU D 78 23.92 7.66 -8.26
N ASP D 79 25.01 7.33 -8.94
CA ASP D 79 24.89 6.51 -10.12
C ASP D 79 25.05 5.03 -9.82
N ASN D 80 25.29 4.67 -8.56
CA ASN D 80 25.38 3.26 -8.19
C ASN D 80 24.78 2.95 -6.82
N LEU D 81 23.51 3.33 -6.64
CA LEU D 81 22.86 3.11 -5.38
C LEU D 81 22.68 1.63 -5.11
N LYS D 82 22.44 0.83 -6.15
CA LYS D 82 22.25 -0.58 -5.90
C LYS D 82 23.50 -1.22 -5.25
N GLY D 83 24.68 -0.85 -5.74
CA GLY D 83 25.89 -1.38 -5.14
C GLY D 83 26.05 -0.78 -3.74
N THR D 84 25.89 0.53 -3.63
CA THR D 84 26.07 1.18 -2.35
C THR D 84 25.22 0.55 -1.22
N PHE D 85 24.00 0.14 -1.56
CA PHE D 85 23.09 -0.42 -0.55
C PHE D 85 23.00 -1.93 -0.50
N ALA D 86 23.88 -2.62 -1.22
CA ALA D 86 23.81 -4.11 -1.23
C ALA D 86 23.87 -4.73 0.14
N THR D 87 24.84 -4.30 0.96
CA THR D 87 24.96 -4.90 2.28
C THR D 87 23.74 -4.62 3.14
N LEU D 88 23.30 -3.38 3.10
CA LEU D 88 22.12 -3.02 3.87
C LEU D 88 20.85 -3.73 3.38
N SER D 89 20.75 -3.95 2.06
CA SER D 89 19.58 -4.62 1.48
C SER D 89 19.53 -6.03 2.03
N GLU D 90 20.68 -6.70 2.04
CA GLU D 90 20.72 -8.05 2.57
C GLU D 90 20.35 -8.03 4.06
N LEU D 91 20.84 -7.06 4.84
CA LEU D 91 20.51 -6.97 6.28
C LEU D 91 19.01 -6.79 6.55
N HIS D 92 18.41 -5.83 5.84
CA HIS D 92 17.01 -5.50 5.98
C HIS D 92 16.03 -6.47 5.34
N CYS D 93 16.43 -7.11 4.24
CA CYS D 93 15.51 -8.02 3.57
C CYS D 93 15.60 -9.43 4.10
N ASP D 94 16.78 -10.01 3.99
CA ASP D 94 17.01 -11.38 4.43
C ASP D 94 17.15 -11.58 5.94
N LYS D 95 17.77 -10.64 6.65
CA LYS D 95 17.91 -10.86 8.08
C LYS D 95 16.77 -10.31 8.92
N LEU D 96 16.37 -9.06 8.67
CA LEU D 96 15.30 -8.46 9.46
C LEU D 96 13.93 -8.63 8.84
N HIS D 97 13.90 -8.93 7.55
CA HIS D 97 12.63 -9.05 6.83
C HIS D 97 11.74 -7.81 7.01
N VAL D 98 12.30 -6.63 6.80
CA VAL D 98 11.52 -5.39 6.90
C VAL D 98 10.70 -5.28 5.60
N ASP D 99 9.37 -5.11 5.66
CA ASP D 99 8.67 -5.02 4.38
C ASP D 99 9.16 -3.78 3.64
N PRO D 100 9.47 -3.89 2.34
CA PRO D 100 9.98 -2.74 1.57
C PRO D 100 9.17 -1.44 1.52
N GLU D 101 7.85 -1.52 1.74
CA GLU D 101 7.04 -0.31 1.74
C GLU D 101 7.58 0.63 2.84
N ASN D 102 8.15 0.07 3.92
CA ASN D 102 8.63 0.93 5.00
C ASN D 102 9.89 1.72 4.61
N PHE D 103 10.66 1.25 3.61
CA PHE D 103 11.85 2.03 3.19
C PHE D 103 11.33 3.33 2.53
N ARG D 104 10.23 3.21 1.83
CA ARG D 104 9.66 4.36 1.17
C ARG D 104 9.16 5.34 2.21
N LEU D 105 8.53 4.81 3.26
CA LEU D 105 7.99 5.64 4.35
C LEU D 105 9.10 6.43 5.01
N LEU D 106 10.20 5.75 5.32
CA LEU D 106 11.30 6.46 5.99
C LEU D 106 11.83 7.51 5.06
N GLY D 107 12.00 7.17 3.79
CA GLY D 107 12.49 8.16 2.85
C GLY D 107 11.59 9.41 2.81
N ASN D 108 10.28 9.21 2.85
CA ASN D 108 9.39 10.36 2.78
C ASN D 108 9.38 11.11 4.10
N VAL D 109 9.58 10.36 5.18
CA VAL D 109 9.64 10.99 6.48
C VAL D 109 10.91 11.84 6.50
N LEU D 110 12.00 11.33 5.92
CA LEU D 110 13.22 12.12 5.89
C LEU D 110 12.94 13.43 5.09
N VAL D 111 12.22 13.34 3.98
CA VAL D 111 11.88 14.56 3.22
C VAL D 111 11.10 15.56 4.12
N CYS D 112 10.13 15.07 4.91
CA CYS D 112 9.36 15.92 5.80
C CYS D 112 10.30 16.61 6.78
N VAL D 113 11.24 15.85 7.32
CA VAL D 113 12.20 16.42 8.25
C VAL D 113 13.08 17.52 7.60
N LEU D 114 13.49 17.31 6.34
CA LEU D 114 14.32 18.30 5.65
C LEU D 114 13.53 19.58 5.45
N ALA D 115 12.27 19.39 5.06
CA ALA D 115 11.36 20.50 4.87
C ALA D 115 11.19 21.20 6.25
N HIS D 116 11.12 20.42 7.32
CA HIS D 116 10.91 21.00 8.62
C HIS D 116 12.11 21.87 9.02
N HIS D 117 13.32 21.42 8.71
CA HIS D 117 14.50 22.18 9.04
C HIS D 117 14.76 23.39 8.16
N PHE D 118 14.53 23.23 6.85
CA PHE D 118 14.81 24.28 5.88
C PHE D 118 13.71 25.24 5.46
N GLY D 119 12.46 24.98 5.86
CA GLY D 119 11.35 25.85 5.53
C GLY D 119 11.27 26.21 4.06
N LYS D 120 11.12 27.52 3.78
CA LYS D 120 11.00 28.00 2.39
C LYS D 120 12.15 27.58 1.49
N GLU D 121 13.34 27.40 2.08
CA GLU D 121 14.50 26.98 1.32
C GLU D 121 14.28 25.56 0.73
N PHE D 122 13.36 24.77 1.30
CA PHE D 122 13.10 23.41 0.74
C PHE D 122 12.03 23.61 -0.35
N THR D 123 12.44 24.22 -1.46
CA THR D 123 11.50 24.57 -2.56
C THR D 123 10.92 23.34 -3.31
N PRO D 124 9.80 23.53 -4.06
CA PRO D 124 9.30 22.32 -4.76
C PRO D 124 10.40 21.69 -5.68
N PRO D 125 11.25 22.50 -6.33
CA PRO D 125 12.25 21.80 -7.16
C PRO D 125 13.28 21.09 -6.31
N VAL D 126 13.68 21.69 -5.19
CA VAL D 126 14.66 20.98 -4.32
C VAL D 126 14.01 19.63 -3.87
N GLN D 127 12.72 19.68 -3.54
CA GLN D 127 12.01 18.47 -3.10
C GLN D 127 11.95 17.44 -4.23
N ALA D 128 11.60 17.88 -5.44
CA ALA D 128 11.52 16.96 -6.57
C ALA D 128 12.83 16.18 -6.71
N ALA D 129 13.95 16.90 -6.54
CA ALA D 129 15.28 16.29 -6.64
C ALA D 129 15.50 15.24 -5.51
N TYR D 130 15.12 15.59 -4.29
CA TYR D 130 15.23 14.64 -3.17
C TYR D 130 14.27 13.46 -3.32
N GLN D 131 13.12 13.66 -3.98
CA GLN D 131 12.22 12.52 -4.10
C GLN D 131 12.89 11.46 -4.97
N LYS D 132 13.66 11.89 -5.95
CA LYS D 132 14.38 10.93 -6.80
C LYS D 132 15.42 10.17 -5.96
N VAL D 133 16.16 10.88 -5.12
CA VAL D 133 17.16 10.25 -4.29
C VAL D 133 16.50 9.23 -3.34
N VAL D 134 15.43 9.63 -2.62
CA VAL D 134 14.83 8.68 -1.67
C VAL D 134 14.14 7.48 -2.36
N ALA D 135 13.56 7.71 -3.53
CA ALA D 135 12.97 6.61 -4.29
C ALA D 135 14.14 5.63 -4.68
N GLY D 136 15.26 6.21 -5.12
CA GLY D 136 16.41 5.43 -5.49
C GLY D 136 16.96 4.60 -4.36
N VAL D 137 17.04 5.17 -3.16
CA VAL D 137 17.57 4.46 -2.00
C VAL D 137 16.59 3.35 -1.61
N ALA D 138 15.29 3.66 -1.64
CA ALA D 138 14.35 2.61 -1.22
C ALA D 138 14.35 1.44 -2.20
N ASN D 139 14.49 1.77 -3.47
CA ASN D 139 14.49 0.76 -4.48
C ASN D 139 15.74 -0.10 -4.33
N ALA D 140 16.85 0.55 -4.01
CA ALA D 140 18.14 -0.10 -3.81
C ALA D 140 18.07 -1.07 -2.63
N LEU D 141 17.39 -0.67 -1.54
CA LEU D 141 17.25 -1.52 -0.36
C LEU D 141 16.27 -2.68 -0.56
N ALA D 142 15.33 -2.52 -1.47
CA ALA D 142 14.36 -3.56 -1.72
C ALA D 142 14.92 -4.52 -2.74
N HIS D 143 16.11 -4.22 -3.27
CA HIS D 143 16.76 -5.07 -4.30
C HIS D 143 16.86 -6.58 -4.02
N LYS D 144 17.23 -6.95 -2.79
CA LYS D 144 17.31 -8.38 -2.44
C LYS D 144 15.95 -9.02 -2.74
N TYR D 145 14.92 -8.17 -2.73
CA TYR D 145 13.56 -8.59 -3.03
C TYR D 145 13.29 -8.59 -4.54
N HIS D 146 14.36 -8.54 -5.33
CA HIS D 146 14.24 -8.54 -6.80
C HIS D 146 14.73 -9.85 -7.43
O1 OXY E . -4.25 -13.78 13.74
O2 OXY E . -4.03 -14.81 12.99
CHA HEM F . -4.26 -13.32 17.65
CHB HEM F . -7.96 -12.03 14.59
CHC HEM F . -4.71 -10.71 11.27
CHD HEM F . -0.97 -12.08 14.14
C1A HEM F . -5.56 -13.17 17.02
C2A HEM F . -6.82 -13.44 17.72
C3A HEM F . -7.83 -13.06 16.92
C4A HEM F . -7.22 -12.58 15.67
CMA HEM F . -9.32 -13.28 17.13
CAA HEM F . -6.92 -14.53 18.76
CBA HEM F . -6.75 -14.11 20.17
CGA HEM F . -7.25 -15.19 21.12
O1A HEM F . -6.59 -16.25 21.29
O2A HEM F . -8.35 -14.97 21.66
C1B HEM F . -7.36 -11.64 13.37
C2B HEM F . -8.13 -11.19 12.21
C3B HEM F . -7.20 -10.70 11.30
C4B HEM F . -5.92 -10.93 11.91
CMB HEM F . -9.69 -11.01 12.21
CAB HEM F . -7.38 -10.04 10.05
CBB HEM F . -8.50 -10.25 9.22
C1C HEM F . -3.39 -11.05 11.79
C2C HEM F . -2.21 -10.96 11.04
C3C HEM F . -1.22 -11.32 11.81
C4C HEM F . -1.76 -11.61 13.05
CMC HEM F . -2.06 -10.44 9.57
CAC HEM F . 0.20 -11.47 11.49
CBC HEM F . 0.82 -11.82 10.27
C1D HEM F . -1.58 -12.54 15.39
C2D HEM F . -0.85 -13.12 16.48
C3D HEM F . -1.75 -13.34 17.46
C4D HEM F . -3.05 -13.06 16.99
CMD HEM F . 0.63 -13.09 16.65
CAD HEM F . -1.37 -13.83 18.82
CBD HEM F . -1.06 -15.34 18.67
CGD HEM F . -0.54 -15.95 19.97
O1D HEM F . 0.61 -15.64 20.37
O2D HEM F . -1.30 -16.72 20.58
NA HEM F . -5.82 -12.60 15.75
NB HEM F . -6.00 -11.55 13.16
NC HEM F . -3.11 -11.49 13.05
ND HEM F . -2.94 -12.54 15.64
FE HEM F . -4.46 -11.95 14.41
C1 B77 G . -14.00 0.67 2.75
C2 B77 G . -12.51 0.58 2.70
C3 B77 G . -11.83 0.81 1.47
C4 B77 G . -10.39 0.76 1.42
C5 B77 G . -9.66 0.49 2.59
C6 B77 G . -10.37 0.26 3.83
C7 B77 G . -11.77 0.31 3.89
O8 B77 G . -8.26 0.44 2.49
C9 B77 G . -7.50 0.16 3.69
O10 B77 G . -9.65 1.01 0.20
C11 B77 G . -10.35 0.92 -1.08
C12 B77 G . -10.37 -0.55 -1.58
N13 B77 G . -10.99 -0.82 -2.76
C14 B77 G . -11.04 -2.09 -3.28
C15 B77 G . -10.45 -3.17 -2.59
C16 B77 G . -9.80 -2.92 -1.32
C17 B77 G . -9.76 -1.61 -0.82
C1 B77 H . -7.79 -6.80 1.65
C2 B77 H . -6.82 -5.89 2.39
C3 B77 H . -6.42 -4.64 1.83
C4 B77 H . -5.52 -3.76 2.52
C5 B77 H . -5.01 -4.13 3.78
C6 B77 H . -5.40 -5.39 4.34
C7 B77 H . -6.31 -6.27 3.66
O8 B77 H . -4.11 -3.21 4.42
C9 B77 H . -3.54 -3.57 5.72
O10 B77 H . -5.10 -2.51 2.00
C11 B77 H . -5.89 -1.92 0.93
C12 B77 H . -5.21 -2.05 -0.44
N13 B77 H . -5.83 -1.52 -1.53
C14 B77 H . -5.27 -1.59 -2.79
C15 B77 H . -4.01 -2.22 -2.99
C16 B77 H . -3.35 -2.79 -1.88
C17 B77 H . -3.95 -2.70 -0.58
O1 OXY I . -2.61 -5.94 -18.92
O2 OXY I . -3.67 -6.49 -18.55
CHA HEM J . -1.15 -4.31 -22.26
CHB HEM J . 0.50 -8.19 -19.80
CHC HEM J . -0.45 -5.90 -15.66
CHD HEM J . -2.53 -2.30 -18.05
C1A HEM J . -0.61 -5.55 -21.90
C2A HEM J . -0.19 -6.56 -22.83
C3A HEM J . 0.21 -7.65 -22.17
C4A HEM J . 0.11 -7.31 -20.81
CMA HEM J . 0.64 -9.01 -22.81
CAA HEM J . -0.22 -6.51 -24.34
CBA HEM J . 1.11 -5.98 -24.83
CGA HEM J . 1.11 -5.69 -26.30
O1A HEM J . 2.19 -5.37 -26.83
O2A HEM J . 0.04 -5.79 -26.95
C1B HEM J . 0.42 -7.92 -18.44
C2B HEM J . 0.94 -8.78 -17.37
C3B HEM J . 0.72 -8.11 -16.20
C4B HEM J . 0.13 -6.82 -16.56
CMB HEM J . 1.61 -10.16 -17.50
CAB HEM J . 0.87 -8.81 -15.01
CBB HEM J . 1.35 -8.22 -13.82
C1C HEM J . -1.21 -4.79 -15.93
C2C HEM J . -1.88 -3.95 -14.92
C3C HEM J . -2.44 -2.85 -15.58
C4C HEM J . -2.15 -3.12 -16.99
CMC HEM J . -1.91 -4.28 -13.44
CAC HEM J . -3.25 -1.80 -15.08
CBC HEM J . -3.72 -1.70 -13.69
C1D HEM J . -2.27 -2.50 -19.42
C2D HEM J . -2.82 -1.64 -20.49
C3D HEM J . -2.42 -2.29 -21.69
C4D HEM J . -1.72 -3.47 -21.36
CMD HEM J . -3.87 -0.50 -20.31
CAD HEM J . -2.74 -1.78 -23.07
CBD HEM J . -4.06 -2.42 -23.47
CGD HEM J . -4.63 -1.86 -24.76
O1D HEM J . -5.35 -0.85 -24.75
O2D HEM J . -4.36 -2.43 -25.82
NA HEM J . -0.45 -6.05 -20.65
NB HEM J . -0.07 -6.71 -17.91
NC HEM J . -1.42 -4.31 -17.14
ND HEM J . -1.64 -3.65 -19.97
FE HEM J . -0.89 -5.20 -18.91
O1 OXY K . -7.89 17.23 -6.24
O2 OXY K . -6.91 17.94 -6.31
CHA HEM L . -11.35 17.79 -8.03
CHB HEM L . -10.44 17.44 -3.28
CHC HEM L . -6.91 14.18 -4.25
CHD HEM L . -7.74 14.61 -9.05
C1A HEM L . -11.32 18.01 -6.69
C2A HEM L . -12.13 18.90 -6.03
C3A HEM L . -11.89 18.89 -4.70
C4A HEM L . -10.90 17.88 -4.53
CMA HEM L . -12.49 19.91 -3.63
CAA HEM L . -13.05 19.88 -6.67
CBA HEM L . -14.48 19.47 -6.74
CGA HEM L . -15.30 20.59 -7.31
O1A HEM L . -15.02 21.01 -8.46
O2A HEM L . -16.20 21.07 -6.59
C1B HEM L . -9.49 16.42 -3.13
C2B HEM L . -8.93 16.03 -1.81
C3B HEM L . -7.93 15.11 -2.07
C4B HEM L . -7.87 14.96 -3.54
CMB HEM L . -9.51 16.55 -0.52
CAB HEM L . -7.11 14.30 -1.23
CBB HEM L . -6.84 14.74 0.13
C1C HEM L . -6.74 14.14 -5.64
C2C HEM L . -5.73 13.32 -6.27
C3C HEM L . -6.00 13.39 -7.61
C4C HEM L . -7.13 14.26 -7.80
CMC HEM L . -4.56 12.61 -5.54
CAC HEM L . -5.22 12.88 -8.66
CBC HEM L . -3.78 12.98 -8.80
C1D HEM L . -8.82 15.55 -9.15
C2D HEM L . -9.37 16.00 -10.39
C3D HEM L . -10.33 16.90 -10.14
C4D HEM L . -10.42 16.97 -8.71
CMD HEM L . -8.71 15.53 -11.64
CAD HEM L . -11.16 17.63 -11.16
CBD HEM L . -10.36 18.83 -11.60
CGD HEM L . -11.07 19.56 -12.74
O1D HEM L . -10.93 19.11 -13.89
O2D HEM L . -11.77 20.54 -12.46
NA HEM L . -10.50 17.33 -5.74
NB HEM L . -8.80 15.79 -4.16
NC HEM L . -7.61 14.72 -6.60
ND HEM L . -9.45 16.18 -8.12
FE HEM L . -9.11 15.96 -6.13
C1 B77 M . -7.74 5.74 10.70
C2 B77 M . -7.08 5.16 9.47
C3 B77 M . -5.89 4.39 9.58
C4 B77 M . -5.26 3.81 8.41
C5 B77 M . -5.83 4.02 7.14
C6 B77 M . -7.04 4.82 7.02
C7 B77 M . -7.66 5.38 8.20
O8 B77 M . -5.18 3.43 6.00
C9 B77 M . -5.80 3.66 4.71
O10 B77 M . -4.09 3.00 8.48
C11 B77 M . -3.26 3.08 9.64
C12 B77 M . -2.26 4.25 9.52
N13 B77 M . -1.39 4.47 10.54
C14 B77 M . -0.46 5.48 10.52
C15 B77 M . -0.38 6.33 9.41
C16 B77 M . -1.29 6.12 8.32
C17 B77 M . -2.24 5.08 8.36
C1 B77 N . -1.53 9.54 3.98
C2 B77 N . -2.18 8.56 3.00
C3 B77 N . -2.23 7.19 3.31
C4 B77 N . -2.84 6.23 2.43
C5 B77 N . -3.43 6.69 1.23
C6 B77 N . -3.37 8.10 0.91
C7 B77 N . -2.75 9.01 1.79
O8 B77 N . -4.04 5.72 0.38
C9 B77 N . -4.61 6.16 -0.87
O10 B77 N . -2.88 4.84 2.73
C11 B77 N . -2.43 4.49 4.06
C12 B77 N . -0.95 4.14 4.13
N13 B77 N . -0.42 3.83 5.37
C14 B77 N . 0.91 3.48 5.53
C15 B77 N . 1.79 3.46 4.42
C16 B77 N . 1.29 3.81 3.11
C17 B77 N . -0.10 4.13 2.97
S SO4 O . -20.92 5.47 -10.80
O1 SO4 O . -21.55 4.23 -10.28
O2 SO4 O . -19.45 5.26 -10.88
O3 SO4 O . -21.23 6.61 -9.91
O4 SO4 O . -21.45 5.77 -12.14
O1 OXY P . 17.36 1.71 10.12
O2 OXY P . 16.86 2.33 11.15
CHA HEM Q . 19.92 -1.18 10.71
CHB HEM Q . 20.01 2.17 7.36
CHC HEM Q . 15.26 1.54 6.85
CHD HEM Q . 15.12 -1.35 10.64
C1A HEM Q . 20.36 -0.30 9.82
C2A HEM Q . 21.76 0.24 9.68
C3A HEM Q . 21.76 1.23 8.80
C4A HEM Q . 20.39 1.37 8.39
CMA HEM Q . 22.93 1.97 8.20
CAA HEM Q . 22.98 -0.09 10.54
CBA HEM Q . 23.56 -1.34 10.04
CGA HEM Q . 24.74 -1.81 10.91
O1A HEM Q . 25.20 -2.95 10.67
O2A HEM Q . 25.16 -1.04 11.81
C1B HEM Q . 18.73 2.16 6.82
C2B HEM Q . 18.35 2.95 5.74
C3B HEM Q . 17.02 2.83 5.60
C4B HEM Q . 16.58 1.90 6.59
CMB HEM Q . 19.20 3.83 4.88
CAB HEM Q . 16.35 3.77 4.82
CBB HEM Q . 15.47 3.50 3.80
C1C HEM Q . 14.78 0.76 7.84
C2C HEM Q . 13.36 0.62 8.17
C3C HEM Q . 13.39 -0.26 9.20
C4C HEM Q . 14.76 -0.55 9.54
CMC HEM Q . 12.21 1.26 7.38
CAC HEM Q . 12.34 -0.94 9.93
CBC HEM Q . 11.06 -0.35 10.10
C1D HEM Q . 16.46 -1.55 11.00
C2D HEM Q . 16.85 -2.40 12.10
C3D HEM Q . 18.20 -2.36 12.12
C4D HEM Q . 18.58 -1.53 11.05
CMD HEM Q . 15.90 -3.17 13.00
CAD HEM Q . 19.10 -3.04 13.13
CBD HEM Q . 18.97 -2.27 14.46
CGD HEM Q . 19.76 -2.91 15.62
O1D HEM Q . 21.02 -2.83 15.62
O2D HEM Q . 19.11 -3.49 16.54
NA HEM Q . 19.54 0.47 9.02
NB HEM Q . 17.65 1.47 7.36
NC HEM Q . 15.58 0.07 8.74
ND HEM Q . 17.48 -1.00 10.37
FE HEM Q . 17.57 0.26 8.90
S SO4 R . 21.15 2.52 -9.26
O1 SO4 R . 20.74 2.68 -10.68
O2 SO4 R . 22.23 1.52 -9.14
O3 SO4 R . 19.99 2.08 -8.46
O4 SO4 R . 21.60 3.85 -8.77
#